data_5J8G
#
_entry.id   5J8G
#
_cell.length_a   52.410
_cell.length_b   113.440
_cell.length_c   82.290
_cell.angle_alpha   90.000
_cell.angle_beta   101.550
_cell.angle_gamma   90.000
#
_symmetry.space_group_name_H-M   'P 1 21 1'
#
loop_
_entity.id
_entity.type
_entity.pdbx_description
1 polymer 'Oxygen-insensitive NAD(P)H nitroreductase'
2 non-polymer 'FLAVIN MONONUCLEOTIDE'
3 non-polymer '4-NITROBENZOIC ACID'
4 water water
#
_entity_poly.entity_id   1
_entity_poly.type   'polypeptide(L)'
_entity_poly.pdbx_seq_one_letter_code
;DIISVALKRHSTKAFDASKKLTAEEAEKIKTLLQYSPSSTNSQPWHFIVASTEEGKARVAKSAAGTYVFNERKMLDASHV
VVFCAKTAMDDAWLERVVDQEEADGRFNTPEAKAANHKGRTYFADMHRVDLKDDDQWMAKQVYLNVGNFLLGVGAMGLDA
VPIEGFDAAILDEEFGLKEKGFTSLVVVPVGHHSVEDFNATLPKSRLPLSTIVTEC
;
_entity_poly.pdbx_strand_id   A,B,C,D
#
# COMPACT_ATOMS: atom_id res chain seq x y z
N ASP A 1 -45.65 42.90 -0.62
CA ASP A 1 -44.88 42.61 0.57
C ASP A 1 -45.66 41.71 1.54
N ILE A 2 -45.04 40.61 1.95
CA ILE A 2 -45.74 39.64 2.80
C ILE A 2 -46.00 40.22 4.18
N ILE A 3 -45.19 41.16 4.64
CA ILE A 3 -45.44 41.77 5.95
C ILE A 3 -46.68 42.66 5.88
N SER A 4 -46.87 43.37 4.77
CA SER A 4 -48.11 44.11 4.59
C SER A 4 -49.32 43.19 4.63
N VAL A 5 -49.18 42.00 4.01
CA VAL A 5 -50.25 41.00 4.06
C VAL A 5 -50.52 40.59 5.51
N ALA A 6 -49.45 40.28 6.25
CA ALA A 6 -49.62 39.84 7.64
C ALA A 6 -50.30 40.92 8.48
N LEU A 7 -50.02 42.18 8.20
CA LEU A 7 -50.65 43.27 8.95
C LEU A 7 -52.05 43.61 8.45
N LYS A 8 -52.42 43.14 7.26
CA LYS A 8 -53.69 43.48 6.64
C LYS A 8 -54.74 42.38 6.80
N ARG A 9 -54.35 41.11 6.75
CA ARG A 9 -55.31 40.03 6.85
C ARG A 9 -55.98 40.04 8.23
N HIS A 10 -57.26 39.64 8.25
CA HIS A 10 -58.01 39.63 9.49
C HIS A 10 -59.00 38.48 9.46
N SER A 11 -59.53 38.15 10.64
CA SER A 11 -60.57 37.13 10.75
C SER A 11 -61.90 37.75 10.36
N THR A 12 -62.42 37.35 9.21
CA THR A 12 -63.67 37.91 8.70
C THR A 12 -64.86 37.41 9.52
N LYS A 13 -65.71 38.34 9.97
CA LYS A 13 -66.87 37.99 10.76
C LYS A 13 -68.15 37.82 9.93
N ALA A 14 -68.16 38.30 8.68
CA ALA A 14 -69.34 38.14 7.84
C ALA A 14 -68.92 38.23 6.38
N PHE A 15 -69.47 37.33 5.57
CA PHE A 15 -69.09 37.21 4.16
C PHE A 15 -70.22 37.68 3.25
N ASP A 16 -69.83 38.22 2.09
CA ASP A 16 -70.78 38.59 1.04
C ASP A 16 -71.13 37.34 0.24
N ALA A 17 -72.38 36.89 0.37
CA ALA A 17 -72.80 35.65 -0.25
C ALA A 17 -72.91 35.74 -1.77
N SER A 18 -72.91 36.95 -2.34
CA SER A 18 -72.98 37.10 -3.79
C SER A 18 -71.61 37.06 -4.46
N LYS A 19 -70.52 37.09 -3.68
CA LYS A 19 -69.17 37.16 -4.23
C LYS A 19 -68.52 35.79 -4.14
N LYS A 20 -68.28 35.16 -5.30
CA LYS A 20 -67.67 33.85 -5.37
C LYS A 20 -66.22 33.96 -5.83
N LEU A 21 -65.43 32.97 -5.45
CA LEU A 21 -64.08 32.86 -5.98
C LEU A 21 -64.14 32.59 -7.49
N THR A 22 -63.13 33.08 -8.21
CA THR A 22 -62.99 32.68 -9.60
C THR A 22 -62.52 31.24 -9.67
N ALA A 23 -62.67 30.65 -10.87
CA ALA A 23 -62.19 29.28 -11.07
C ALA A 23 -60.70 29.17 -10.81
N GLU A 24 -59.94 30.19 -11.20
CA GLU A 24 -58.49 30.17 -10.98
C GLU A 24 -58.16 30.27 -9.50
N GLU A 25 -58.90 31.10 -8.75
CA GLU A 25 -58.69 31.19 -7.32
C GLU A 25 -59.04 29.88 -6.62
N ALA A 26 -60.10 29.21 -7.07
CA ALA A 26 -60.50 27.95 -6.47
C ALA A 26 -59.41 26.89 -6.62
N GLU A 27 -58.73 26.87 -7.76
CA GLU A 27 -57.63 25.92 -7.93
C GLU A 27 -56.44 26.31 -7.07
N LYS A 28 -56.19 27.61 -6.92
CA LYS A 28 -55.04 28.04 -6.15
C LYS A 28 -55.17 27.68 -4.67
N ILE A 29 -56.38 27.80 -4.10
CA ILE A 29 -56.50 27.48 -2.68
C ILE A 29 -56.32 25.99 -2.44
N LYS A 30 -56.66 25.15 -3.42
CA LYS A 30 -56.39 23.72 -3.27
C LYS A 30 -54.90 23.43 -3.34
N THR A 31 -54.18 24.17 -4.20
CA THR A 31 -52.73 24.00 -4.26
C THR A 31 -52.08 24.37 -2.92
N LEU A 32 -52.59 25.43 -2.28
CA LEU A 32 -52.06 25.83 -0.97
C LEU A 32 -52.24 24.73 0.06
N LEU A 33 -53.44 24.14 0.13
CA LEU A 33 -53.67 23.02 1.03
C LEU A 33 -52.70 21.88 0.74
N GLN A 34 -52.46 21.61 -0.54
CA GLN A 34 -51.68 20.45 -0.95
C GLN A 34 -50.20 20.61 -0.62
N TYR A 35 -49.63 21.79 -0.84
CA TYR A 35 -48.18 21.95 -0.78
C TYR A 35 -47.66 22.44 0.57
N SER A 36 -48.51 22.51 1.58
CA SER A 36 -48.04 22.79 2.92
C SER A 36 -46.99 21.74 3.33
N PRO A 37 -45.97 22.14 4.09
CA PRO A 37 -45.02 21.14 4.62
C PRO A 37 -45.65 20.40 5.79
N SER A 38 -44.98 19.33 6.21
CA SER A 38 -45.39 18.52 7.34
C SER A 38 -44.21 17.65 7.75
N SER A 39 -44.22 17.21 9.01
CA SER A 39 -43.13 16.39 9.54
C SER A 39 -42.99 15.12 8.72
N THR A 40 -41.75 14.85 8.25
CA THR A 40 -41.41 13.72 7.39
C THR A 40 -42.26 13.66 6.12
N ASN A 41 -42.84 14.79 5.71
CA ASN A 41 -43.75 14.84 4.55
C ASN A 41 -44.90 13.85 4.73
N SER A 42 -45.34 13.68 5.97
CA SER A 42 -46.34 12.66 6.30
C SER A 42 -47.73 13.01 5.77
N GLN A 43 -48.01 14.29 5.51
CA GLN A 43 -49.27 14.76 4.92
C GLN A 43 -50.48 14.05 5.52
N PRO A 44 -50.64 14.05 6.88
CA PRO A 44 -51.65 13.19 7.52
C PRO A 44 -53.02 13.84 7.54
N TRP A 45 -53.54 14.18 6.35
CA TRP A 45 -54.65 15.11 6.29
C TRP A 45 -55.57 14.81 5.12
N HIS A 46 -56.77 15.38 5.20
CA HIS A 46 -57.76 15.36 4.13
C HIS A 46 -58.54 16.66 4.24
N PHE A 47 -59.07 17.13 3.12
CA PHE A 47 -59.77 18.41 3.09
C PHE A 47 -61.12 18.27 2.39
N ILE A 48 -62.16 18.76 3.03
CA ILE A 48 -63.46 18.95 2.39
C ILE A 48 -63.53 20.39 1.91
N VAL A 49 -63.79 20.58 0.62
CA VAL A 49 -63.93 21.91 0.05
C VAL A 49 -65.36 22.04 -0.46
N ALA A 50 -66.20 22.73 0.33
CA ALA A 50 -67.61 22.89 0.01
C ALA A 50 -67.83 24.23 -0.66
N SER A 51 -68.32 24.20 -1.90
CA SER A 51 -68.65 25.40 -2.64
C SER A 51 -70.10 25.47 -3.08
N THR A 52 -70.78 24.34 -3.21
CA THR A 52 -72.21 24.37 -3.51
C THR A 52 -73.00 24.75 -2.26
N GLU A 53 -74.24 25.20 -2.47
CA GLU A 53 -75.06 25.61 -1.34
C GLU A 53 -75.43 24.42 -0.47
N GLU A 54 -75.66 23.26 -1.08
CA GLU A 54 -75.98 22.06 -0.31
C GLU A 54 -74.78 21.58 0.48
N GLY A 55 -73.58 21.66 -0.11
CA GLY A 55 -72.40 21.25 0.61
C GLY A 55 -72.10 22.14 1.79
N LYS A 56 -72.21 23.47 1.60
CA LYS A 56 -71.97 24.39 2.70
C LYS A 56 -73.02 24.21 3.79
N ALA A 57 -74.26 23.91 3.41
CA ALA A 57 -75.30 23.64 4.41
C ALA A 57 -74.95 22.41 5.23
N ARG A 58 -74.34 21.40 4.61
CA ARG A 58 -73.94 20.21 5.34
C ARG A 58 -72.87 20.53 6.38
N VAL A 59 -71.87 21.32 6.00
CA VAL A 59 -70.84 21.73 6.95
C VAL A 59 -71.46 22.58 8.06
N ALA A 60 -72.38 23.49 7.68
CA ALA A 60 -72.95 24.41 8.65
C ALA A 60 -73.78 23.72 9.71
N LYS A 61 -74.16 22.45 9.51
CA LYS A 61 -74.85 21.70 10.55
C LYS A 61 -74.03 21.63 11.83
N SER A 62 -72.71 21.63 11.72
CA SER A 62 -71.82 21.56 12.88
C SER A 62 -71.85 22.83 13.71
N ALA A 63 -72.40 23.93 13.19
CA ALA A 63 -72.46 25.20 13.90
C ALA A 63 -73.84 25.49 14.46
N ALA A 64 -74.82 24.62 14.26
CA ALA A 64 -76.15 24.85 14.79
C ALA A 64 -76.14 24.69 16.31
N GLY A 65 -76.95 25.51 16.97
CA GLY A 65 -77.11 25.41 18.42
C GLY A 65 -76.05 26.19 19.19
N THR A 66 -75.12 25.46 19.82
CA THR A 66 -74.15 26.09 20.71
C THR A 66 -73.25 27.08 19.97
N TYR A 67 -72.91 26.77 18.72
CA TYR A 67 -71.96 27.56 17.94
C TYR A 67 -72.65 28.38 16.86
N VAL A 68 -73.87 28.87 17.16
CA VAL A 68 -74.68 29.52 16.14
C VAL A 68 -74.00 30.76 15.58
N PHE A 69 -73.12 31.40 16.37
CA PHE A 69 -72.48 32.62 15.91
C PHE A 69 -71.51 32.39 14.75
N ASN A 70 -71.15 31.15 14.46
CA ASN A 70 -70.31 30.81 13.31
C ASN A 70 -71.10 30.28 12.12
N GLU A 71 -72.41 30.07 12.27
CA GLU A 71 -73.18 29.37 11.25
C GLU A 71 -73.31 30.20 9.97
N ARG A 72 -73.60 31.49 10.11
CA ARG A 72 -73.78 32.32 8.91
C ARG A 72 -72.49 32.43 8.12
N LYS A 73 -71.35 32.47 8.80
CA LYS A 73 -70.07 32.54 8.10
C LYS A 73 -69.87 31.37 7.16
N MET A 74 -70.31 30.17 7.58
CA MET A 74 -70.18 29.00 6.72
C MET A 74 -71.17 29.05 5.57
N LEU A 75 -72.38 29.55 5.82
CA LEU A 75 -73.39 29.61 4.78
C LEU A 75 -73.07 30.69 3.75
N ASP A 76 -72.43 31.79 4.17
CA ASP A 76 -72.27 32.95 3.30
C ASP A 76 -70.99 32.94 2.47
N ALA A 77 -69.95 32.27 2.93
CA ALA A 77 -68.69 32.29 2.20
C ALA A 77 -68.81 31.60 0.84
N SER A 78 -67.85 31.88 -0.04
CA SER A 78 -67.85 31.27 -1.36
C SER A 78 -67.40 29.81 -1.27
N HIS A 79 -66.32 29.55 -0.55
CA HIS A 79 -65.78 28.21 -0.34
C HIS A 79 -65.50 28.00 1.14
N VAL A 80 -65.83 26.80 1.62
CA VAL A 80 -65.63 26.43 3.02
C VAL A 80 -64.72 25.21 3.05
N VAL A 81 -63.54 25.34 3.69
CA VAL A 81 -62.57 24.27 3.77
C VAL A 81 -62.64 23.64 5.16
N VAL A 82 -62.77 22.32 5.20
CA VAL A 82 -62.73 21.55 6.44
C VAL A 82 -61.38 20.85 6.51
N PHE A 83 -60.55 21.25 7.48
CA PHE A 83 -59.24 20.62 7.68
C PHE A 83 -59.41 19.39 8.57
N CYS A 84 -59.00 18.23 8.07
CA CYS A 84 -59.15 16.97 8.78
C CYS A 84 -57.79 16.31 8.99
N ALA A 85 -57.63 15.69 10.16
CA ALA A 85 -56.42 14.93 10.48
C ALA A 85 -56.72 13.43 10.51
N LYS A 86 -55.73 12.64 10.15
CA LYS A 86 -55.85 11.20 10.33
C LYS A 86 -55.98 10.86 11.81
N THR A 87 -56.74 9.81 12.09
CA THR A 87 -56.91 9.37 13.48
C THR A 87 -55.80 8.43 13.93
N ALA A 88 -55.11 7.78 13.01
CA ALA A 88 -53.98 6.93 13.34
C ALA A 88 -53.07 6.85 12.11
N MET A 89 -51.77 6.76 12.35
CA MET A 89 -50.79 6.67 11.27
C MET A 89 -50.56 5.18 10.98
N ASP A 90 -51.16 4.70 9.90
CA ASP A 90 -51.03 3.31 9.51
C ASP A 90 -49.88 3.15 8.52
N ASP A 91 -49.39 1.91 8.40
CA ASP A 91 -48.26 1.64 7.52
C ASP A 91 -48.61 1.88 6.05
N ALA A 92 -49.88 1.70 5.67
CA ALA A 92 -50.25 1.89 4.28
C ALA A 92 -50.12 3.34 3.86
N TRP A 93 -50.45 4.28 4.76
CA TRP A 93 -50.30 5.69 4.44
C TRP A 93 -48.83 6.05 4.25
N LEU A 94 -47.96 5.51 5.12
CA LEU A 94 -46.53 5.77 4.98
C LEU A 94 -45.99 5.24 3.66
N GLU A 95 -46.46 4.07 3.24
CA GLU A 95 -46.05 3.54 1.95
C GLU A 95 -46.57 4.41 0.81
N ARG A 96 -47.80 4.92 0.94
CA ARG A 96 -48.36 5.79 -0.08
C ARG A 96 -47.51 7.04 -0.26
N VAL A 97 -47.02 7.62 0.84
CA VAL A 97 -46.24 8.84 0.76
C VAL A 97 -44.91 8.59 0.05
N VAL A 98 -44.23 7.49 0.42
CA VAL A 98 -42.91 7.24 -0.17
C VAL A 98 -43.05 6.81 -1.62
N ASP A 99 -44.14 6.13 -1.99
CA ASP A 99 -44.36 5.78 -3.38
C ASP A 99 -44.56 7.05 -4.21
N GLN A 100 -45.26 8.04 -3.66
CA GLN A 100 -45.44 9.31 -4.36
C GLN A 100 -44.13 10.06 -4.49
N GLU A 101 -43.28 10.02 -3.46
CA GLU A 101 -41.97 10.65 -3.55
C GLU A 101 -41.12 10.01 -4.63
N GLU A 102 -41.21 8.68 -4.78
CA GLU A 102 -40.50 8.01 -5.87
C GLU A 102 -41.04 8.43 -7.22
N ALA A 103 -42.36 8.49 -7.36
CA ALA A 103 -42.97 8.91 -8.63
C ALA A 103 -42.57 10.34 -9.00
N ASP A 104 -42.37 11.20 -8.00
CA ASP A 104 -41.99 12.58 -8.25
C ASP A 104 -40.50 12.75 -8.48
N GLY A 105 -39.72 11.68 -8.38
CA GLY A 105 -38.31 11.73 -8.74
C GLY A 105 -37.37 12.13 -7.63
N ARG A 106 -37.72 11.87 -6.37
CA ARG A 106 -36.87 12.28 -5.26
C ARG A 106 -35.80 11.24 -4.90
N PHE A 107 -35.87 10.02 -5.45
CA PHE A 107 -34.87 9.00 -5.22
C PHE A 107 -34.24 8.59 -6.55
N ASN A 108 -32.94 8.33 -6.54
CA ASN A 108 -32.25 7.88 -7.74
C ASN A 108 -31.96 6.38 -7.76
N THR A 109 -32.22 5.67 -6.67
CA THR A 109 -32.07 4.22 -6.61
C THR A 109 -33.21 3.63 -5.79
N PRO A 110 -33.54 2.36 -6.02
CA PRO A 110 -34.52 1.70 -5.14
C PRO A 110 -34.07 1.60 -3.70
N GLU A 111 -32.75 1.51 -3.46
CA GLU A 111 -32.27 1.47 -2.07
C GLU A 111 -32.44 2.81 -1.38
N ALA A 112 -32.31 3.91 -2.14
CA ALA A 112 -32.61 5.22 -1.58
C ALA A 112 -34.06 5.31 -1.12
N LYS A 113 -34.97 4.72 -1.90
CA LYS A 113 -36.38 4.74 -1.51
C LYS A 113 -36.61 3.97 -0.21
N ALA A 114 -36.06 2.76 -0.12
CA ALA A 114 -36.25 1.95 1.07
C ALA A 114 -35.64 2.63 2.30
N ALA A 115 -34.50 3.31 2.12
CA ALA A 115 -33.87 4.02 3.23
C ALA A 115 -34.77 5.15 3.72
N ASN A 116 -35.37 5.91 2.80
CA ASN A 116 -36.30 6.96 3.19
C ASN A 116 -37.51 6.38 3.92
N HIS A 117 -38.04 5.26 3.43
CA HIS A 117 -39.17 4.61 4.09
C HIS A 117 -38.80 4.13 5.49
N LYS A 118 -37.60 3.56 5.63
CA LYS A 118 -37.14 3.11 6.95
C LYS A 118 -37.04 4.28 7.92
N GLY A 119 -36.55 5.43 7.46
CA GLY A 119 -36.43 6.57 8.34
C GLY A 119 -37.77 7.13 8.76
N ARG A 120 -38.71 7.26 7.82
CA ARG A 120 -40.03 7.78 8.16
C ARG A 120 -40.74 6.86 9.15
N THR A 121 -40.59 5.54 8.97
CA THR A 121 -41.19 4.60 9.90
C THR A 121 -40.61 4.74 11.30
N TYR A 122 -39.28 4.90 11.39
CA TYR A 122 -38.64 5.07 12.68
C TYR A 122 -39.21 6.27 13.43
N PHE A 123 -39.33 7.42 12.75
CA PHE A 123 -39.82 8.62 13.42
C PHE A 123 -41.31 8.54 13.70
N ALA A 124 -42.08 7.88 12.83
CA ALA A 124 -43.49 7.65 13.12
C ALA A 124 -43.64 6.72 14.32
N ASP A 125 -42.78 5.71 14.43
CA ASP A 125 -42.86 4.78 15.57
C ASP A 125 -42.56 5.48 16.89
N MET A 126 -41.76 6.54 16.86
CA MET A 126 -41.53 7.32 18.07
C MET A 126 -42.84 7.83 18.65
N HIS A 127 -43.78 8.21 17.79
CA HIS A 127 -45.08 8.69 18.23
C HIS A 127 -46.08 7.55 18.44
N ARG A 128 -46.10 6.56 17.54
CA ARG A 128 -47.05 5.47 17.66
C ARG A 128 -46.72 4.57 18.86
N VAL A 129 -45.45 4.26 19.06
CA VAL A 129 -45.05 3.25 20.03
C VAL A 129 -44.66 3.89 21.36
N ASP A 130 -43.61 4.73 21.32
CA ASP A 130 -43.04 5.24 22.56
C ASP A 130 -43.94 6.28 23.21
N LEU A 131 -44.25 7.36 22.49
CA LEU A 131 -45.04 8.44 23.06
C LEU A 131 -46.54 8.13 23.07
N LYS A 132 -47.00 7.28 22.15
CA LYS A 132 -48.42 6.96 22.01
C LYS A 132 -49.24 8.23 21.80
N ASP A 133 -48.75 9.13 20.94
CA ASP A 133 -49.42 10.41 20.71
C ASP A 133 -49.49 10.76 19.23
N ASP A 134 -49.49 9.74 18.35
CA ASP A 134 -49.51 10.04 16.92
C ASP A 134 -50.74 10.82 16.52
N ASP A 135 -51.87 10.63 17.22
CA ASP A 135 -53.07 11.39 16.91
C ASP A 135 -52.85 12.89 17.14
N GLN A 136 -52.19 13.25 18.25
CA GLN A 136 -51.92 14.66 18.50
C GLN A 136 -50.82 15.18 17.59
N TRP A 137 -49.81 14.34 17.31
CA TRP A 137 -48.74 14.72 16.38
C TRP A 137 -49.29 15.06 15.01
N MET A 138 -50.24 14.27 14.51
CA MET A 138 -50.79 14.53 13.19
C MET A 138 -51.70 15.76 13.20
N ALA A 139 -52.46 15.96 14.28
CA ALA A 139 -53.28 17.16 14.38
C ALA A 139 -52.42 18.42 14.33
N LYS A 140 -51.22 18.37 14.92
CA LYS A 140 -50.34 19.52 14.91
C LYS A 140 -49.89 19.86 13.48
N GLN A 141 -49.66 18.84 12.65
CA GLN A 141 -49.31 19.10 11.26
C GLN A 141 -50.46 19.78 10.52
N VAL A 142 -51.70 19.41 10.87
CA VAL A 142 -52.86 20.02 10.23
C VAL A 142 -52.99 21.49 10.63
N TYR A 143 -52.72 21.80 11.90
CA TYR A 143 -52.73 23.20 12.33
C TYR A 143 -51.66 24.00 11.61
N LEU A 144 -50.48 23.39 11.39
CA LEU A 144 -49.45 24.05 10.60
C LEU A 144 -49.96 24.36 9.19
N ASN A 145 -50.72 23.44 8.61
CA ASN A 145 -51.32 23.68 7.30
C ASN A 145 -52.28 24.86 7.34
N VAL A 146 -53.12 24.95 8.39
CA VAL A 146 -54.03 26.08 8.53
C VAL A 146 -53.26 27.40 8.53
N GLY A 147 -52.16 27.45 9.28
CA GLY A 147 -51.39 28.68 9.36
C GLY A 147 -50.81 29.09 8.02
N ASN A 148 -50.28 28.11 7.27
CA ASN A 148 -49.86 28.33 5.90
C ASN A 148 -51.02 28.85 5.05
N PHE A 149 -52.18 28.22 5.21
CA PHE A 149 -53.35 28.55 4.38
C PHE A 149 -53.82 29.98 4.62
N LEU A 150 -53.93 30.38 5.88
CA LEU A 150 -54.49 31.69 6.19
C LEU A 150 -53.64 32.82 5.62
N LEU A 151 -52.31 32.70 5.69
CA LEU A 151 -51.45 33.72 5.10
C LEU A 151 -51.52 33.68 3.58
N GLY A 152 -51.59 32.48 3.00
CA GLY A 152 -51.64 32.36 1.55
C GLY A 152 -52.88 33.00 0.96
N VAL A 153 -54.05 32.72 1.54
CA VAL A 153 -55.28 33.28 0.98
C VAL A 153 -55.35 34.78 1.22
N GLY A 154 -54.74 35.26 2.30
CA GLY A 154 -54.59 36.71 2.46
C GLY A 154 -53.73 37.32 1.37
N ALA A 155 -52.65 36.64 1.01
CA ALA A 155 -51.80 37.12 -0.08
C ALA A 155 -52.50 37.09 -1.43
N MET A 156 -53.53 36.26 -1.57
CA MET A 156 -54.37 36.25 -2.78
C MET A 156 -55.43 37.35 -2.76
N GLY A 157 -55.52 38.13 -1.69
CA GLY A 157 -56.56 39.14 -1.59
C GLY A 157 -57.92 38.59 -1.23
N LEU A 158 -57.98 37.40 -0.64
CA LEU A 158 -59.23 36.79 -0.22
C LEU A 158 -59.41 36.94 1.28
N ASP A 159 -60.66 37.06 1.70
CA ASP A 159 -61.00 37.07 3.11
C ASP A 159 -61.26 35.65 3.61
N ALA A 160 -60.98 35.42 4.89
CA ALA A 160 -61.20 34.11 5.48
C ALA A 160 -61.29 34.26 6.99
N VAL A 161 -61.69 33.18 7.65
CA VAL A 161 -61.66 33.13 9.11
C VAL A 161 -61.46 31.67 9.54
N PRO A 162 -60.51 31.40 10.44
CA PRO A 162 -60.41 30.06 11.01
C PRO A 162 -61.43 29.87 12.13
N ILE A 163 -62.00 28.67 12.20
CA ILE A 163 -63.09 28.39 13.12
C ILE A 163 -62.80 27.11 13.89
N GLU A 164 -62.69 27.22 15.21
CA GLU A 164 -62.73 26.09 16.13
C GLU A 164 -64.10 25.93 16.77
N GLY A 165 -64.96 26.93 16.66
CA GLY A 165 -66.29 26.90 17.26
C GLY A 165 -67.28 26.14 16.40
N PHE A 166 -67.16 24.82 16.42
CA PHE A 166 -68.09 23.93 15.73
C PHE A 166 -68.08 22.60 16.43
N ASP A 167 -69.08 21.77 16.13
CA ASP A 167 -69.21 20.44 16.74
C ASP A 167 -68.57 19.43 15.79
N ALA A 168 -67.34 19.01 16.11
CA ALA A 168 -66.62 18.08 15.25
C ALA A 168 -67.30 16.71 15.18
N ALA A 169 -67.96 16.29 16.25
CA ALA A 169 -68.69 15.03 16.21
C ALA A 169 -69.81 15.08 15.17
N ILE A 170 -70.55 16.19 15.12
CA ILE A 170 -71.59 16.35 14.11
C ILE A 170 -70.98 16.40 12.71
N LEU A 171 -69.86 17.12 12.56
CA LEU A 171 -69.24 17.25 11.25
C LEU A 171 -68.66 15.92 10.77
N ASP A 172 -68.01 15.18 11.67
CA ASP A 172 -67.49 13.86 11.31
C ASP A 172 -68.61 12.94 10.87
N GLU A 173 -69.75 12.98 11.55
CA GLU A 173 -70.87 12.11 11.20
C GLU A 173 -71.46 12.50 9.85
N GLU A 174 -71.55 13.80 9.56
CA GLU A 174 -72.17 14.23 8.31
C GLU A 174 -71.39 13.77 7.09
N PHE A 175 -70.07 13.64 7.20
CA PHE A 175 -69.23 13.24 6.08
C PHE A 175 -68.60 11.87 6.27
N GLY A 176 -69.07 11.08 7.24
CA GLY A 176 -68.55 9.73 7.46
C GLY A 176 -67.05 9.68 7.70
N LEU A 177 -66.50 10.70 8.37
CA LEU A 177 -65.05 10.81 8.46
C LEU A 177 -64.43 9.72 9.32
N LYS A 178 -65.09 9.36 10.43
CA LYS A 178 -64.47 8.46 11.39
C LYS A 178 -64.17 7.10 10.77
N GLU A 179 -65.12 6.55 10.02
CA GLU A 179 -64.88 5.27 9.37
C GLU A 179 -63.81 5.39 8.29
N LYS A 180 -63.71 6.56 7.65
CA LYS A 180 -62.67 6.79 6.65
C LYS A 180 -61.30 7.04 7.26
N GLY A 181 -61.22 7.21 8.58
CA GLY A 181 -59.95 7.39 9.26
C GLY A 181 -59.55 8.82 9.53
N PHE A 182 -60.51 9.75 9.58
CA PHE A 182 -60.20 11.17 9.75
C PHE A 182 -61.12 11.77 10.79
N THR A 183 -60.72 12.96 11.28
CA THR A 183 -61.56 13.76 12.15
C THR A 183 -61.33 15.23 11.85
N SER A 184 -62.41 16.01 11.91
CA SER A 184 -62.36 17.42 11.55
C SER A 184 -61.78 18.25 12.70
N LEU A 185 -60.95 19.22 12.36
CA LEU A 185 -60.25 20.03 13.35
C LEU A 185 -60.55 21.52 13.23
N VAL A 186 -60.53 22.07 12.01
CA VAL A 186 -60.71 23.50 11.80
C VAL A 186 -61.54 23.69 10.54
N VAL A 187 -62.48 24.63 10.59
CA VAL A 187 -63.28 25.03 9.44
C VAL A 187 -62.82 26.42 9.01
N VAL A 188 -62.57 26.60 7.71
CA VAL A 188 -62.13 27.90 7.22
C VAL A 188 -63.00 28.34 6.05
N PRO A 189 -64.00 29.19 6.29
CA PRO A 189 -64.69 29.84 5.18
C PRO A 189 -63.78 30.83 4.45
N VAL A 190 -63.86 30.83 3.12
CA VAL A 190 -63.05 31.71 2.29
C VAL A 190 -63.95 32.42 1.30
N GLY A 191 -63.75 33.73 1.15
CA GLY A 191 -64.53 34.51 0.20
C GLY A 191 -64.21 35.99 0.25
N HIS A 192 -65.26 36.81 0.36
CA HIS A 192 -65.10 38.26 0.47
C HIS A 192 -66.04 38.76 1.56
N HIS A 193 -65.55 39.69 2.38
CA HIS A 193 -66.35 40.13 3.52
C HIS A 193 -67.50 41.01 3.05
N SER A 194 -68.52 41.12 3.91
CA SER A 194 -69.69 41.95 3.66
C SER A 194 -69.64 43.18 4.56
N VAL A 195 -70.68 43.99 4.47
CA VAL A 195 -70.78 45.20 5.28
C VAL A 195 -70.90 44.87 6.76
N GLU A 196 -71.32 43.65 7.10
CA GLU A 196 -71.50 43.24 8.49
C GLU A 196 -70.23 42.71 9.14
N ASP A 197 -69.10 42.71 8.43
CA ASP A 197 -67.83 42.28 8.99
C ASP A 197 -67.23 43.44 9.77
N PHE A 198 -67.68 43.59 11.02
CA PHE A 198 -67.20 44.66 11.88
C PHE A 198 -65.71 44.57 12.15
N ASN A 199 -65.13 43.38 12.04
CA ASN A 199 -63.70 43.20 12.32
C ASN A 199 -62.82 43.78 11.23
N ALA A 200 -63.37 44.11 10.06
CA ALA A 200 -62.54 44.59 8.96
C ALA A 200 -61.97 45.97 9.23
N THR A 201 -62.65 46.78 10.05
CA THR A 201 -62.20 48.14 10.33
C THR A 201 -61.67 48.29 11.74
N LEU A 202 -61.50 47.18 12.49
CA LEU A 202 -60.86 47.30 13.78
C LEU A 202 -59.35 47.11 13.65
N PRO A 203 -58.55 47.81 14.45
CA PRO A 203 -57.11 47.59 14.42
C PRO A 203 -56.76 46.22 14.95
N LYS A 204 -55.67 45.66 14.42
CA LYS A 204 -55.17 44.39 14.93
C LYS A 204 -54.49 44.59 16.27
N SER A 205 -54.50 43.56 17.11
CA SER A 205 -53.91 43.64 18.44
C SER A 205 -53.06 42.42 18.72
N ARG A 206 -51.81 42.64 19.10
CA ARG A 206 -50.92 41.57 19.53
C ARG A 206 -50.10 42.06 20.71
N LEU A 207 -49.66 41.12 21.53
CA LEU A 207 -48.74 41.43 22.62
C LEU A 207 -47.44 42.00 22.05
N PRO A 208 -46.74 42.83 22.82
CA PRO A 208 -45.51 43.45 22.31
C PRO A 208 -44.36 42.47 22.25
N LEU A 209 -43.38 42.80 21.39
CA LEU A 209 -42.21 41.95 21.22
C LEU A 209 -41.43 41.82 22.51
N SER A 210 -41.44 42.85 23.36
CA SER A 210 -40.76 42.76 24.65
C SER A 210 -41.30 41.61 25.49
N THR A 211 -42.55 41.21 25.26
CA THR A 211 -43.17 40.11 26.00
C THR A 211 -42.90 38.75 25.35
N ILE A 212 -43.08 38.65 24.04
CA ILE A 212 -43.12 37.34 23.39
C ILE A 212 -41.79 36.90 22.81
N VAL A 213 -40.79 37.76 22.74
CA VAL A 213 -39.52 37.44 22.09
C VAL A 213 -38.37 37.61 23.07
N THR A 214 -37.47 36.62 23.09
CA THR A 214 -36.19 36.72 23.77
C THR A 214 -35.09 36.57 22.74
N GLU A 215 -34.25 37.59 22.61
CA GLU A 215 -33.14 37.55 21.66
C GLU A 215 -31.86 37.12 22.35
N CYS A 216 -31.04 36.35 21.66
CA CYS A 216 -29.75 35.91 22.19
C CYS A 216 -28.78 35.52 21.08
N ASP B 1 -46.48 36.25 -6.80
CA ASP B 1 -47.57 35.29 -6.64
C ASP B 1 -47.27 34.31 -5.51
N ILE B 2 -48.20 34.19 -4.56
CA ILE B 2 -47.93 33.38 -3.38
C ILE B 2 -47.91 31.90 -3.72
N ILE B 3 -48.60 31.50 -4.80
CA ILE B 3 -48.56 30.10 -5.21
C ILE B 3 -47.17 29.75 -5.72
N SER B 4 -46.53 30.67 -6.45
CA SER B 4 -45.15 30.46 -6.86
C SER B 4 -44.24 30.28 -5.66
N VAL B 5 -44.50 31.03 -4.58
CA VAL B 5 -43.71 30.87 -3.35
C VAL B 5 -43.95 29.49 -2.75
N ALA B 6 -45.20 29.05 -2.70
CA ALA B 6 -45.51 27.76 -2.10
C ALA B 6 -44.89 26.60 -2.87
N LEU B 7 -44.78 26.73 -4.21
CA LEU B 7 -44.19 25.69 -5.03
C LEU B 7 -42.67 25.74 -5.07
N LYS B 8 -42.05 26.81 -4.57
CA LYS B 8 -40.61 26.97 -4.67
C LYS B 8 -39.89 26.96 -3.33
N ARG B 9 -40.57 27.27 -2.22
CA ARG B 9 -39.95 27.10 -0.93
C ARG B 9 -39.68 25.62 -0.67
N HIS B 10 -38.65 25.36 0.15
CA HIS B 10 -38.29 23.98 0.47
C HIS B 10 -37.56 23.97 1.80
N SER B 11 -37.48 22.78 2.39
CA SER B 11 -36.74 22.60 3.63
C SER B 11 -35.26 22.55 3.33
N THR B 12 -34.51 23.53 3.85
CA THR B 12 -33.08 23.63 3.60
C THR B 12 -32.32 22.64 4.48
N LYS B 13 -31.45 21.85 3.87
CA LYS B 13 -30.69 20.86 4.60
C LYS B 13 -29.30 21.34 4.99
N ALA B 14 -28.83 22.45 4.44
CA ALA B 14 -27.51 22.97 4.77
C ALA B 14 -27.49 24.47 4.51
N PHE B 15 -26.95 25.22 5.46
CA PHE B 15 -26.94 26.68 5.41
C PHE B 15 -25.53 27.21 5.18
N ASP B 16 -25.46 28.36 4.51
CA ASP B 16 -24.21 29.09 4.31
C ASP B 16 -24.01 30.02 5.51
N ALA B 17 -23.03 29.71 6.35
CA ALA B 17 -22.83 30.46 7.58
C ALA B 17 -22.38 31.89 7.34
N SER B 18 -21.90 32.22 6.15
CA SER B 18 -21.43 33.57 5.87
C SER B 18 -22.55 34.52 5.46
N LYS B 19 -23.71 34.00 5.07
CA LYS B 19 -24.81 34.82 4.58
C LYS B 19 -25.77 35.09 5.72
N LYS B 20 -25.71 36.30 6.27
CA LYS B 20 -26.53 36.71 7.39
C LYS B 20 -27.77 37.46 6.92
N LEU B 21 -28.84 37.39 7.72
CA LEU B 21 -29.98 38.26 7.47
C LEU B 21 -29.57 39.71 7.66
N THR B 22 -30.16 40.59 6.86
CA THR B 22 -29.98 42.01 7.11
C THR B 22 -30.75 42.40 8.38
N ALA B 23 -30.37 43.55 8.94
CA ALA B 23 -31.07 44.06 10.12
C ALA B 23 -32.56 44.21 9.82
N GLU B 24 -32.90 44.64 8.60
CA GLU B 24 -34.30 44.79 8.22
C GLU B 24 -35.02 43.45 8.17
N GLU B 25 -34.38 42.44 7.59
CA GLU B 25 -34.99 41.11 7.55
C GLU B 25 -35.16 40.54 8.95
N ALA B 26 -34.22 40.83 9.86
CA ALA B 26 -34.34 40.35 11.23
C ALA B 26 -35.58 40.93 11.91
N GLU B 27 -35.87 42.21 11.65
CA GLU B 27 -37.07 42.80 12.22
C GLU B 27 -38.33 42.21 11.60
N LYS B 28 -38.28 41.90 10.30
CA LYS B 28 -39.46 41.37 9.63
C LYS B 28 -39.85 39.99 10.15
N ILE B 29 -38.87 39.14 10.49
CA ILE B 29 -39.23 37.80 10.92
C ILE B 29 -39.86 37.84 12.31
N LYS B 30 -39.49 38.83 13.14
CA LYS B 30 -40.15 38.97 14.43
C LYS B 30 -41.57 39.49 14.28
N THR B 31 -41.81 40.38 13.30
CA THR B 31 -43.17 40.80 13.01
C THR B 31 -44.03 39.62 12.57
N LEU B 32 -43.45 38.69 11.81
CA LEU B 32 -44.19 37.50 11.39
C LEU B 32 -44.60 36.64 12.57
N LEU B 33 -43.68 36.42 13.51
CA LEU B 33 -44.01 35.64 14.70
C LEU B 33 -45.14 36.30 15.48
N GLN B 34 -45.08 37.63 15.60
CA GLN B 34 -45.98 38.37 16.47
C GLN B 34 -47.40 38.38 15.95
N TYR B 35 -47.59 38.50 14.64
CA TYR B 35 -48.90 38.78 14.07
C TYR B 35 -49.62 37.55 13.53
N SER B 36 -49.09 36.36 13.79
CA SER B 36 -49.85 35.16 13.51
C SER B 36 -51.20 35.19 14.24
N PRO B 37 -52.26 34.66 13.65
CA PRO B 37 -53.51 34.48 14.39
C PRO B 37 -53.39 33.33 15.38
N SER B 38 -54.40 33.25 16.26
CA SER B 38 -54.50 32.18 17.24
C SER B 38 -55.92 32.19 17.79
N SER B 39 -56.35 31.03 18.29
CA SER B 39 -57.70 30.90 18.82
C SER B 39 -57.93 31.88 19.97
N THR B 40 -59.02 32.65 19.86
CA THR B 40 -59.38 33.73 20.79
C THR B 40 -58.26 34.75 20.98
N ASN B 41 -57.34 34.86 20.01
CA ASN B 41 -56.18 35.75 20.12
C ASN B 41 -55.37 35.44 21.38
N SER B 42 -55.38 34.17 21.80
CA SER B 42 -54.73 33.76 23.04
C SER B 42 -53.22 33.92 23.01
N GLN B 43 -52.61 33.89 21.82
CA GLN B 43 -51.17 34.07 21.64
C GLN B 43 -50.39 33.30 22.70
N PRO B 44 -50.62 31.96 22.83
CA PRO B 44 -50.07 31.21 23.98
C PRO B 44 -48.64 30.75 23.74
N TRP B 45 -47.75 31.71 23.45
CA TRP B 45 -46.46 31.34 22.89
C TRP B 45 -45.36 32.28 23.35
N HIS B 46 -44.13 31.82 23.15
CA HIS B 46 -42.93 32.63 23.34
C HIS B 46 -41.89 32.17 22.35
N PHE B 47 -41.05 33.10 21.90
CA PHE B 47 -40.06 32.81 20.86
C PHE B 47 -38.67 33.19 21.35
N ILE B 48 -37.72 32.27 21.21
CA ILE B 48 -36.31 32.55 21.38
C ILE B 48 -35.73 32.75 19.99
N VAL B 49 -35.15 33.92 19.75
CA VAL B 49 -34.53 34.23 18.47
C VAL B 49 -33.03 34.33 18.72
N ALA B 50 -32.29 33.31 18.32
CA ALA B 50 -30.85 33.24 18.53
C ALA B 50 -30.14 33.71 17.28
N SER B 51 -29.33 34.77 17.41
CA SER B 51 -28.54 35.30 16.30
C SER B 51 -27.06 35.43 16.60
N THR B 52 -26.65 35.42 17.87
CA THR B 52 -25.24 35.38 18.20
C THR B 52 -24.73 33.95 18.11
N GLU B 53 -23.41 33.82 17.98
CA GLU B 53 -22.81 32.49 17.90
C GLU B 53 -23.07 31.69 19.18
N GLU B 54 -22.94 32.33 20.34
CA GLU B 54 -23.20 31.64 21.60
C GLU B 54 -24.66 31.21 21.69
N GLY B 55 -25.59 32.10 21.32
CA GLY B 55 -27.00 31.75 21.40
C GLY B 55 -27.36 30.56 20.54
N LYS B 56 -26.87 30.54 19.29
CA LYS B 56 -27.15 29.42 18.41
C LYS B 56 -26.50 28.14 18.92
N ALA B 57 -25.30 28.26 19.49
CA ALA B 57 -24.64 27.09 20.06
C ALA B 57 -25.44 26.52 21.21
N ARG B 58 -26.05 27.39 22.04
CA ARG B 58 -26.88 26.91 23.14
C ARG B 58 -28.11 26.16 22.63
N VAL B 59 -28.75 26.67 21.57
CA VAL B 59 -29.87 25.94 20.98
C VAL B 59 -29.40 24.61 20.43
N ALA B 60 -28.24 24.60 19.77
CA ALA B 60 -27.77 23.39 19.09
C ALA B 60 -27.45 22.26 20.06
N LYS B 61 -27.27 22.56 21.36
CA LYS B 61 -27.09 21.49 22.34
C LYS B 61 -28.23 20.49 22.33
N SER B 62 -29.43 20.95 21.98
CA SER B 62 -30.61 20.06 21.94
C SER B 62 -30.53 19.06 20.80
N ALA B 63 -29.65 19.27 19.83
CA ALA B 63 -29.49 18.36 18.71
C ALA B 63 -28.30 17.43 18.88
N ALA B 64 -27.65 17.45 20.05
CA ALA B 64 -26.50 16.58 20.26
C ALA B 64 -26.94 15.12 20.29
N GLY B 65 -26.01 14.24 19.93
CA GLY B 65 -26.26 12.81 20.00
C GLY B 65 -27.15 12.26 18.90
N THR B 66 -28.35 11.81 19.28
CA THR B 66 -29.22 11.13 18.33
C THR B 66 -29.71 12.06 17.23
N TYR B 67 -30.00 13.32 17.56
CA TYR B 67 -30.49 14.28 16.59
C TYR B 67 -29.37 15.07 15.92
N VAL B 68 -28.14 14.51 15.88
CA VAL B 68 -26.99 15.25 15.38
C VAL B 68 -27.18 15.66 13.93
N PHE B 69 -28.03 14.97 13.18
CA PHE B 69 -28.26 15.36 11.78
C PHE B 69 -28.93 16.71 11.65
N ASN B 70 -29.46 17.28 12.74
CA ASN B 70 -30.03 18.62 12.75
C ASN B 70 -29.11 19.66 13.38
N GLU B 71 -27.98 19.24 13.96
CA GLU B 71 -27.17 20.17 14.75
C GLU B 71 -26.50 21.23 13.87
N ARG B 72 -25.96 20.82 12.72
CA ARG B 72 -25.25 21.79 11.88
C ARG B 72 -26.20 22.82 11.28
N LYS B 73 -27.45 22.46 11.02
CA LYS B 73 -28.42 23.45 10.56
C LYS B 73 -28.57 24.57 11.57
N MET B 74 -28.61 24.23 12.86
CA MET B 74 -28.78 25.25 13.89
C MET B 74 -27.53 26.10 14.06
N LEU B 75 -26.35 25.52 13.83
CA LEU B 75 -25.11 26.27 13.97
C LEU B 75 -24.86 27.19 12.77
N ASP B 76 -25.24 26.75 11.57
CA ASP B 76 -24.87 27.45 10.35
C ASP B 76 -25.89 28.49 9.90
N ALA B 77 -27.13 28.39 10.34
CA ALA B 77 -28.12 29.39 9.95
C ALA B 77 -27.79 30.75 10.54
N SER B 78 -28.34 31.79 9.91
CA SER B 78 -28.12 33.16 10.40
C SER B 78 -28.88 33.40 11.69
N HIS B 79 -30.16 33.06 11.72
CA HIS B 79 -31.01 33.20 12.90
C HIS B 79 -31.72 31.87 13.13
N VAL B 80 -31.90 31.51 14.40
CA VAL B 80 -32.58 30.28 14.77
C VAL B 80 -33.71 30.64 15.73
N VAL B 81 -34.93 30.27 15.37
CA VAL B 81 -36.13 30.60 16.14
C VAL B 81 -36.63 29.35 16.85
N VAL B 82 -36.79 29.46 18.17
CA VAL B 82 -37.36 28.38 18.97
C VAL B 82 -38.81 28.76 19.27
N PHE B 83 -39.74 27.97 18.74
CA PHE B 83 -41.18 28.16 18.99
C PHE B 83 -41.56 27.45 20.27
N CYS B 84 -42.06 28.20 21.25
CA CYS B 84 -42.46 27.64 22.53
C CYS B 84 -43.93 27.90 22.80
N ALA B 85 -44.58 26.95 23.47
CA ALA B 85 -45.96 27.09 23.90
C ALA B 85 -46.03 27.21 25.42
N LYS B 86 -47.02 27.95 25.91
CA LYS B 86 -47.31 27.95 27.34
C LYS B 86 -47.67 26.54 27.80
N THR B 87 -47.24 26.20 29.01
CA THR B 87 -47.56 24.89 29.57
C THR B 87 -48.92 24.86 30.25
N ALA B 88 -49.39 26.00 30.76
CA ALA B 88 -50.72 26.12 31.34
C ALA B 88 -51.28 27.47 30.98
N MET B 89 -52.60 27.52 30.75
CA MET B 89 -53.29 28.77 30.46
C MET B 89 -53.90 29.30 31.76
N ASP B 90 -53.41 30.46 32.19
CA ASP B 90 -53.87 31.09 33.42
C ASP B 90 -54.74 32.30 33.08
N ASP B 91 -55.50 32.76 34.08
CA ASP B 91 -56.33 33.94 33.86
C ASP B 91 -55.48 35.19 33.65
N ALA B 92 -54.34 35.28 34.35
CA ALA B 92 -53.47 36.45 34.20
C ALA B 92 -53.07 36.65 32.75
N TRP B 93 -52.74 35.57 32.04
CA TRP B 93 -52.39 35.69 30.63
C TRP B 93 -53.56 36.20 29.81
N LEU B 94 -54.75 35.65 30.06
CA LEU B 94 -55.93 36.09 29.31
C LEU B 94 -56.27 37.54 29.60
N GLU B 95 -56.04 38.00 30.83
CA GLU B 95 -56.28 39.41 31.16
C GLU B 95 -55.36 40.33 30.36
N ARG B 96 -54.09 39.94 30.20
CA ARG B 96 -53.15 40.79 29.48
C ARG B 96 -53.49 40.85 28.00
N VAL B 97 -54.04 39.78 27.44
CA VAL B 97 -54.43 39.81 26.02
C VAL B 97 -55.57 40.80 25.81
N VAL B 98 -56.59 40.76 26.66
CA VAL B 98 -57.74 41.64 26.46
C VAL B 98 -57.36 43.09 26.80
N ASP B 99 -56.44 43.30 27.73
CA ASP B 99 -56.00 44.66 28.04
C ASP B 99 -55.19 45.24 26.88
N GLN B 100 -54.38 44.40 26.23
CA GLN B 100 -53.68 44.84 25.02
C GLN B 100 -54.66 45.19 23.90
N GLU B 101 -55.71 44.40 23.75
CA GLU B 101 -56.74 44.70 22.75
C GLU B 101 -57.40 46.04 23.03
N GLU B 102 -57.64 46.35 24.31
CA GLU B 102 -58.17 47.66 24.66
C GLU B 102 -57.16 48.76 24.35
N ALA B 103 -55.88 48.52 24.68
CA ALA B 103 -54.85 49.52 24.39
C ALA B 103 -54.73 49.80 22.91
N ASP B 104 -54.97 48.80 22.07
CA ASP B 104 -54.91 48.96 20.63
C ASP B 104 -56.21 49.49 20.03
N GLY B 105 -57.24 49.70 20.84
CA GLY B 105 -58.44 50.36 20.38
C GLY B 105 -59.52 49.47 19.80
N ARG B 106 -59.61 48.22 20.24
CA ARG B 106 -60.62 47.31 19.71
C ARG B 106 -61.96 47.40 20.44
N PHE B 107 -62.05 48.19 21.51
CA PHE B 107 -63.28 48.31 22.29
C PHE B 107 -63.74 49.76 22.34
N ASN B 108 -65.04 49.96 22.20
CA ASN B 108 -65.64 51.29 22.24
C ASN B 108 -66.23 51.65 23.60
N THR B 109 -66.26 50.72 24.55
CA THR B 109 -66.87 50.96 25.85
C THR B 109 -66.26 49.99 26.86
N PRO B 110 -66.30 50.31 28.15
CA PRO B 110 -65.93 49.32 29.18
C PRO B 110 -66.93 48.18 29.25
N GLU B 111 -67.97 48.25 28.43
CA GLU B 111 -68.91 47.14 28.27
C GLU B 111 -68.33 46.05 27.39
N ALA B 112 -67.92 46.42 26.17
CA ALA B 112 -67.47 45.44 25.18
C ALA B 112 -66.23 44.69 25.63
N LYS B 113 -65.41 45.27 26.51
CA LYS B 113 -64.30 44.51 27.07
C LYS B 113 -64.79 43.47 28.06
N ALA B 114 -65.83 43.80 28.82
CA ALA B 114 -66.42 42.82 29.74
C ALA B 114 -67.05 41.66 28.99
N ALA B 115 -67.55 41.90 27.78
CA ALA B 115 -68.11 40.83 26.98
C ALA B 115 -67.02 40.01 26.31
N ASN B 116 -65.93 40.65 25.88
CA ASN B 116 -64.80 39.92 25.32
C ASN B 116 -64.11 39.08 26.39
N HIS B 117 -64.01 39.61 27.61
CA HIS B 117 -63.50 38.82 28.72
C HIS B 117 -64.47 37.69 29.08
N LYS B 118 -65.77 37.98 29.03
CA LYS B 118 -66.77 36.93 29.27
C LYS B 118 -66.68 35.84 28.22
N GLY B 119 -66.37 36.21 26.97
CA GLY B 119 -66.32 35.22 25.91
C GLY B 119 -65.08 34.36 25.98
N ARG B 120 -63.91 34.99 26.09
CA ARG B 120 -62.65 34.24 26.13
C ARG B 120 -62.57 33.34 27.37
N THR B 121 -63.32 33.65 28.42
CA THR B 121 -63.34 32.80 29.61
C THR B 121 -64.07 31.50 29.34
N TYR B 122 -65.29 31.59 28.80
CA TYR B 122 -66.07 30.38 28.50
C TYR B 122 -65.33 29.47 27.53
N PHE B 123 -64.51 30.05 26.66
CA PHE B 123 -63.76 29.25 25.69
C PHE B 123 -62.58 28.55 26.35
N ALA B 124 -61.79 29.30 27.14
CA ALA B 124 -60.58 28.73 27.72
C ALA B 124 -60.89 27.70 28.80
N ASP B 125 -61.83 28.01 29.70
CA ASP B 125 -62.20 27.08 30.75
C ASP B 125 -62.74 25.77 30.19
N MET B 126 -63.21 25.77 28.95
CA MET B 126 -63.58 24.52 28.29
C MET B 126 -62.37 23.61 28.13
N HIS B 127 -61.17 24.19 27.97
CA HIS B 127 -59.94 23.43 27.85
C HIS B 127 -59.21 23.25 29.17
N ARG B 128 -59.54 24.02 30.19
CA ARG B 128 -58.89 23.92 31.49
C ARG B 128 -59.70 23.11 32.49
N VAL B 129 -61.02 23.33 32.55
CA VAL B 129 -61.87 22.57 33.46
C VAL B 129 -62.25 21.25 32.82
N ASP B 130 -62.99 21.31 31.71
CA ASP B 130 -63.60 20.13 31.12
C ASP B 130 -62.60 19.25 30.39
N LEU B 131 -62.24 19.62 29.15
CA LEU B 131 -61.39 18.77 28.32
C LEU B 131 -60.03 18.51 28.95
N LYS B 132 -59.55 19.44 29.78
CA LYS B 132 -58.16 19.46 30.29
C LYS B 132 -57.17 19.02 29.23
N ASP B 133 -57.29 19.60 28.03
CA ASP B 133 -56.30 19.45 26.98
C ASP B 133 -55.73 20.80 26.53
N ASP B 134 -55.80 21.80 27.40
CA ASP B 134 -55.31 23.14 27.04
C ASP B 134 -53.84 23.12 26.68
N ASP B 135 -53.08 22.16 27.21
CA ASP B 135 -51.69 22.01 26.80
C ASP B 135 -51.60 21.72 25.30
N GLN B 136 -52.38 20.75 24.83
CA GLN B 136 -52.37 20.42 23.41
C GLN B 136 -53.02 21.51 22.58
N TRP B 137 -54.08 22.13 23.10
CA TRP B 137 -54.73 23.24 22.40
C TRP B 137 -53.76 24.38 22.15
N MET B 138 -52.94 24.73 23.16
CA MET B 138 -51.98 25.81 22.97
C MET B 138 -50.87 25.41 22.01
N ALA B 139 -50.40 24.15 22.08
CA ALA B 139 -49.38 23.69 21.15
C ALA B 139 -49.86 23.75 19.72
N LYS B 140 -51.15 23.49 19.49
CA LYS B 140 -51.69 23.58 18.14
C LYS B 140 -51.64 25.02 17.62
N GLN B 141 -51.87 26.00 18.49
CA GLN B 141 -51.77 27.40 18.05
C GLN B 141 -50.34 27.72 17.64
N VAL B 142 -49.35 27.13 18.33
CA VAL B 142 -47.95 27.38 18.00
C VAL B 142 -47.59 26.76 16.66
N TYR B 143 -48.13 25.57 16.36
CA TYR B 143 -47.88 24.97 15.05
C TYR B 143 -48.52 25.79 13.94
N LEU B 144 -49.68 26.38 14.20
CA LEU B 144 -50.26 27.30 13.23
C LEU B 144 -49.32 28.48 12.98
N ASN B 145 -48.73 29.03 14.05
CA ASN B 145 -47.75 30.09 13.88
C ASN B 145 -46.57 29.63 13.02
N VAL B 146 -46.08 28.40 13.25
CA VAL B 146 -44.99 27.87 12.44
C VAL B 146 -45.37 27.87 10.96
N GLY B 147 -46.58 27.42 10.64
CA GLY B 147 -46.98 27.35 9.24
C GLY B 147 -47.08 28.72 8.60
N ASN B 148 -47.61 29.69 9.33
CA ASN B 148 -47.58 31.08 8.89
C ASN B 148 -46.13 31.53 8.66
N PHE B 149 -45.24 31.18 9.59
CA PHE B 149 -43.86 31.65 9.55
C PHE B 149 -43.13 31.11 8.33
N LEU B 150 -43.26 29.80 8.06
CA LEU B 150 -42.52 29.17 6.97
C LEU B 150 -42.88 29.76 5.61
N LEU B 151 -44.17 30.05 5.40
CA LEU B 151 -44.57 30.66 4.13
C LEU B 151 -44.13 32.12 4.07
N GLY B 152 -44.15 32.82 5.20
CA GLY B 152 -43.72 34.20 5.22
C GLY B 152 -42.24 34.38 4.91
N VAL B 153 -41.39 33.56 5.53
CA VAL B 153 -39.96 33.70 5.24
C VAL B 153 -39.66 33.27 3.82
N GLY B 154 -40.41 32.29 3.29
CA GLY B 154 -40.27 31.96 1.88
C GLY B 154 -40.60 33.14 0.98
N ALA B 155 -41.69 33.85 1.30
CA ALA B 155 -42.07 35.02 0.51
C ALA B 155 -41.04 36.12 0.61
N MET B 156 -40.29 36.18 1.71
CA MET B 156 -39.21 37.15 1.86
C MET B 156 -37.94 36.75 1.09
N GLY B 157 -37.94 35.60 0.44
CA GLY B 157 -36.75 35.13 -0.23
C GLY B 157 -35.72 34.49 0.67
N LEU B 158 -36.10 34.10 1.88
CA LEU B 158 -35.21 33.48 2.84
C LEU B 158 -35.41 31.97 2.86
N ASP B 159 -34.33 31.26 3.21
CA ASP B 159 -34.37 29.81 3.35
C ASP B 159 -34.60 29.44 4.81
N ALA B 160 -35.27 28.31 5.01
CA ALA B 160 -35.59 27.85 6.36
C ALA B 160 -35.83 26.36 6.36
N VAL B 161 -35.83 25.77 7.54
CA VAL B 161 -36.27 24.39 7.72
C VAL B 161 -36.90 24.24 9.10
N PRO B 162 -38.10 23.68 9.20
CA PRO B 162 -38.67 23.37 10.50
C PRO B 162 -38.09 22.07 11.05
N ILE B 163 -37.86 22.04 12.36
CA ILE B 163 -37.17 20.91 13.00
C ILE B 163 -37.98 20.45 14.20
N GLU B 164 -38.46 19.21 14.14
CA GLU B 164 -38.93 18.51 15.34
C GLU B 164 -37.87 17.61 15.94
N GLY B 165 -36.81 17.30 15.18
CA GLY B 165 -35.77 16.42 15.65
C GLY B 165 -34.79 17.09 16.59
N PHE B 166 -35.21 17.29 17.84
CA PHE B 166 -34.36 17.87 18.86
C PHE B 166 -34.89 17.43 20.22
N ASP B 167 -34.04 17.53 21.23
CA ASP B 167 -34.40 17.12 22.59
C ASP B 167 -34.99 18.31 23.32
N ALA B 168 -36.32 18.33 23.47
CA ALA B 168 -36.98 19.47 24.08
C ALA B 168 -36.68 19.58 25.56
N ALA B 169 -36.43 18.45 26.23
CA ALA B 169 -36.04 18.50 27.64
C ALA B 169 -34.69 19.21 27.81
N ILE B 170 -33.75 18.94 26.91
CA ILE B 170 -32.46 19.61 26.96
C ILE B 170 -32.62 21.10 26.66
N LEU B 171 -33.37 21.42 25.62
CA LEU B 171 -33.55 22.82 25.23
C LEU B 171 -34.29 23.61 26.30
N ASP B 172 -35.30 22.98 26.92
CA ASP B 172 -36.05 23.66 27.99
C ASP B 172 -35.13 23.98 29.17
N GLU B 173 -34.26 23.05 29.54
CA GLU B 173 -33.37 23.28 30.67
C GLU B 173 -32.33 24.34 30.33
N GLU B 174 -31.87 24.38 29.08
CA GLU B 174 -30.82 25.33 28.70
C GLU B 174 -31.31 26.78 28.78
N PHE B 175 -32.59 27.01 28.52
CA PHE B 175 -33.15 28.36 28.57
C PHE B 175 -34.11 28.54 29.74
N GLY B 176 -34.17 27.60 30.67
CA GLY B 176 -35.01 27.73 31.85
C GLY B 176 -36.48 27.94 31.55
N LEU B 177 -37.01 27.21 30.56
CA LEU B 177 -38.36 27.49 30.08
C LEU B 177 -39.43 26.97 31.04
N LYS B 178 -39.21 25.81 31.65
CA LYS B 178 -40.25 25.19 32.49
C LYS B 178 -40.65 26.13 33.63
N GLU B 179 -39.66 26.69 34.33
CA GLU B 179 -39.94 27.63 35.39
C GLU B 179 -40.57 28.92 34.87
N LYS B 180 -40.35 29.25 33.59
CA LYS B 180 -41.03 30.39 32.97
C LYS B 180 -42.43 30.06 32.49
N GLY B 181 -42.82 28.78 32.48
CA GLY B 181 -44.13 28.39 32.01
C GLY B 181 -44.22 28.10 30.54
N PHE B 182 -43.12 27.69 29.91
CA PHE B 182 -43.08 27.44 28.47
C PHE B 182 -42.36 26.13 28.20
N THR B 183 -42.61 25.58 27.01
CA THR B 183 -41.90 24.40 26.54
C THR B 183 -41.66 24.50 25.04
N SER B 184 -40.48 24.07 24.61
CA SER B 184 -40.09 24.20 23.22
C SER B 184 -40.72 23.10 22.37
N LEU B 185 -41.19 23.48 21.17
CA LEU B 185 -41.89 22.57 20.29
C LEU B 185 -41.21 22.40 18.95
N VAL B 186 -40.82 23.49 18.30
CA VAL B 186 -40.25 23.46 16.95
C VAL B 186 -39.11 24.47 16.88
N VAL B 187 -38.01 24.06 16.26
CA VAL B 187 -36.86 24.93 16.01
C VAL B 187 -36.83 25.23 14.51
N VAL B 188 -36.66 26.51 14.16
CA VAL B 188 -36.64 26.88 12.75
C VAL B 188 -35.40 27.72 12.45
N PRO B 189 -34.34 27.11 11.90
CA PRO B 189 -33.22 27.91 11.40
C PRO B 189 -33.62 28.68 10.15
N VAL B 190 -33.14 29.92 10.07
CA VAL B 190 -33.47 30.83 8.96
C VAL B 190 -32.19 31.46 8.44
N GLY B 191 -32.05 31.49 7.12
CA GLY B 191 -30.87 32.06 6.49
C GLY B 191 -30.85 31.85 4.99
N HIS B 192 -29.70 31.47 4.44
CA HIS B 192 -29.56 31.17 3.03
C HIS B 192 -28.87 29.82 2.86
N HIS B 193 -29.39 29.01 1.95
CA HIS B 193 -28.85 27.68 1.76
C HIS B 193 -27.47 27.73 1.13
N SER B 194 -26.69 26.68 1.36
CA SER B 194 -25.37 26.53 0.78
C SER B 194 -25.45 25.60 -0.43
N VAL B 195 -24.32 25.42 -1.11
CA VAL B 195 -24.26 24.50 -2.23
C VAL B 195 -24.42 23.05 -1.77
N GLU B 196 -24.24 22.80 -0.47
CA GLU B 196 -24.35 21.46 0.09
C GLU B 196 -25.80 21.07 0.40
N ASP B 197 -26.76 21.97 0.16
CA ASP B 197 -28.18 21.68 0.37
C ASP B 197 -28.67 20.86 -0.81
N PHE B 198 -28.63 19.53 -0.67
CA PHE B 198 -29.07 18.65 -1.73
C PHE B 198 -30.56 18.76 -2.01
N ASN B 199 -31.34 19.26 -1.04
CA ASN B 199 -32.78 19.36 -1.21
C ASN B 199 -33.19 20.57 -2.06
N ALA B 200 -32.26 21.44 -2.42
CA ALA B 200 -32.62 22.62 -3.20
C ALA B 200 -32.94 22.25 -4.65
N THR B 201 -32.35 21.18 -5.16
CA THR B 201 -32.54 20.78 -6.56
C THR B 201 -33.45 19.58 -6.73
N LEU B 202 -34.03 19.05 -5.65
CA LEU B 202 -34.95 17.93 -5.78
C LEU B 202 -36.38 18.44 -5.99
N PRO B 203 -37.15 17.75 -6.83
CA PRO B 203 -38.55 18.15 -7.00
C PRO B 203 -39.33 18.00 -5.71
N LYS B 204 -40.33 18.87 -5.53
CA LYS B 204 -41.25 18.71 -4.42
C LYS B 204 -42.17 17.53 -4.68
N SER B 205 -42.65 16.91 -3.60
CA SER B 205 -43.53 15.76 -3.73
C SER B 205 -44.70 15.89 -2.76
N ARG B 206 -45.92 15.81 -3.29
CA ARG B 206 -47.12 15.81 -2.48
C ARG B 206 -48.12 14.84 -3.08
N LEU B 207 -48.98 14.31 -2.22
CA LEU B 207 -50.07 13.46 -2.67
C LEU B 207 -51.00 14.24 -3.61
N PRO B 208 -51.64 13.56 -4.55
CA PRO B 208 -52.48 14.26 -5.53
C PRO B 208 -53.80 14.72 -4.94
N LEU B 209 -54.37 15.75 -5.58
CA LEU B 209 -55.63 16.31 -5.14
C LEU B 209 -56.74 15.27 -5.09
N SER B 210 -56.70 14.29 -5.99
CA SER B 210 -57.71 13.24 -6.00
C SER B 210 -57.69 12.42 -4.72
N THR B 211 -56.58 12.43 -3.99
CA THR B 211 -56.48 11.72 -2.72
C THR B 211 -56.88 12.60 -1.53
N ILE B 212 -56.37 13.83 -1.48
CA ILE B 212 -56.45 14.63 -0.26
C ILE B 212 -57.63 15.61 -0.23
N VAL B 213 -58.33 15.81 -1.35
CA VAL B 213 -59.39 16.81 -1.42
C VAL B 213 -60.70 16.13 -1.82
N THR B 214 -61.77 16.42 -1.08
CA THR B 214 -63.13 16.05 -1.45
C THR B 214 -63.93 17.33 -1.68
N GLU B 215 -64.57 17.43 -2.83
CA GLU B 215 -65.37 18.60 -3.18
C GLU B 215 -66.85 18.28 -3.06
N CYS B 216 -67.62 19.25 -2.58
CA CYS B 216 -69.06 19.09 -2.43
C CYS B 216 -69.79 20.42 -2.49
N ASP C 1 54.04 -5.88 -8.06
CA ASP C 1 53.18 -6.35 -9.14
C ASP C 1 53.44 -7.81 -9.45
N ILE C 2 52.38 -8.63 -9.44
CA ILE C 2 52.56 -10.05 -9.69
C ILE C 2 52.90 -10.31 -11.15
N ILE C 3 52.51 -9.40 -12.06
CA ILE C 3 52.90 -9.57 -13.46
C ILE C 3 54.39 -9.33 -13.63
N SER C 4 54.95 -8.38 -12.88
CA SER C 4 56.40 -8.22 -12.88
C SER C 4 57.09 -9.48 -12.39
N VAL C 5 56.49 -10.15 -11.39
CA VAL C 5 57.05 -11.41 -10.89
C VAL C 5 57.01 -12.48 -11.97
N ALA C 6 55.86 -12.63 -12.62
CA ALA C 6 55.72 -13.64 -13.68
C ALA C 6 56.69 -13.37 -14.84
N LEU C 7 56.97 -12.11 -15.14
CA LEU C 7 57.92 -11.79 -16.20
C LEU C 7 59.37 -11.91 -15.76
N LYS C 8 59.63 -11.90 -14.46
CA LYS C 8 61.00 -11.92 -13.95
C LYS C 8 61.48 -13.29 -13.50
N ARG C 9 60.58 -14.13 -12.99
CA ARG C 9 61.00 -15.44 -12.51
C ARG C 9 61.51 -16.29 -13.67
N HIS C 10 62.47 -17.16 -13.37
CA HIS C 10 63.06 -18.01 -14.40
C HIS C 10 63.50 -19.32 -13.78
N SER C 11 63.67 -20.33 -14.63
CA SER C 11 64.20 -21.63 -14.20
C SER C 11 65.69 -21.49 -13.97
N THR C 12 66.10 -21.56 -12.70
CA THR C 12 67.51 -21.39 -12.37
C THR C 12 68.31 -22.62 -12.76
N LYS C 13 69.42 -22.40 -13.46
CA LYS C 13 70.25 -23.51 -13.93
C LYS C 13 71.41 -23.85 -13.00
N ALA C 14 71.74 -22.96 -12.07
CA ALA C 14 72.81 -23.23 -11.11
C ALA C 14 72.56 -22.40 -9.86
N PHE C 15 72.79 -23.02 -8.69
CA PHE C 15 72.53 -22.40 -7.40
C PHE C 15 73.82 -22.12 -6.64
N ASP C 16 73.80 -21.05 -5.84
CA ASP C 16 74.90 -20.69 -4.96
C ASP C 16 74.79 -21.51 -3.68
N ALA C 17 75.73 -22.45 -3.49
CA ALA C 17 75.65 -23.37 -2.36
C ALA C 17 75.92 -22.71 -1.01
N SER C 18 76.40 -21.47 -0.99
CA SER C 18 76.65 -20.78 0.28
C SER C 18 75.48 -19.94 0.75
N LYS C 19 74.41 -19.83 -0.04
CA LYS C 19 73.28 -18.96 0.28
C LYS C 19 72.09 -19.82 0.70
N LYS C 20 71.69 -19.69 1.96
CA LYS C 20 70.58 -20.45 2.51
C LYS C 20 69.37 -19.56 2.69
N LEU C 21 68.19 -20.17 2.62
CA LEU C 21 66.97 -19.47 3.00
C LEU C 21 67.07 -19.03 4.46
N THR C 22 66.43 -17.91 4.77
CA THR C 22 66.26 -17.55 6.17
C THR C 22 65.30 -18.52 6.84
N ALA C 23 65.28 -18.49 8.18
CA ALA C 23 64.33 -19.32 8.90
C ALA C 23 62.89 -18.96 8.55
N GLU C 24 62.63 -17.66 8.36
CA GLU C 24 61.27 -17.24 7.99
C GLU C 24 60.92 -17.70 6.58
N GLU C 25 61.87 -17.63 5.65
CA GLU C 25 61.61 -18.11 4.29
C GLU C 25 61.30 -19.60 4.28
N ALA C 26 62.02 -20.38 5.10
CA ALA C 26 61.77 -21.83 5.15
C ALA C 26 60.37 -22.12 5.66
N GLU C 27 59.92 -21.36 6.66
CA GLU C 27 58.56 -21.53 7.15
C GLU C 27 57.54 -21.18 6.07
N LYS C 28 57.82 -20.13 5.29
CA LYS C 28 56.85 -19.66 4.30
C LYS C 28 56.71 -20.63 3.13
N ILE C 29 57.79 -21.27 2.69
CA ILE C 29 57.64 -22.17 1.54
C ILE C 29 56.80 -23.38 1.93
N LYS C 30 56.83 -23.78 3.21
CA LYS C 30 55.98 -24.88 3.64
C LYS C 30 54.51 -24.46 3.67
N THR C 31 54.24 -23.22 4.10
CA THR C 31 52.87 -22.69 4.02
C THR C 31 52.35 -22.70 2.58
N LEU C 32 53.21 -22.36 1.62
CA LEU C 32 52.80 -22.35 0.22
C LEU C 32 52.41 -23.74 -0.26
N LEU C 33 53.18 -24.75 0.14
CA LEU C 33 52.83 -26.13 -0.23
C LEU C 33 51.49 -26.52 0.38
N GLN C 34 51.27 -26.11 1.62
CA GLN C 34 50.09 -26.55 2.37
C GLN C 34 48.81 -25.93 1.84
N TYR C 35 48.84 -24.66 1.48
CA TYR C 35 47.60 -23.93 1.21
C TYR C 35 47.22 -23.87 -0.26
N SER C 36 47.93 -24.57 -1.12
CA SER C 36 47.50 -24.68 -2.51
C SER C 36 46.08 -25.26 -2.57
N PRO C 37 45.25 -24.84 -3.52
CA PRO C 37 43.94 -25.46 -3.69
C PRO C 37 44.09 -26.83 -4.35
N SER C 38 42.99 -27.58 -4.35
CA SER C 38 42.92 -28.88 -5.01
C SER C 38 41.44 -29.26 -5.16
N SER C 39 41.17 -30.14 -6.12
CA SER C 39 39.79 -30.57 -6.39
C SER C 39 39.18 -31.22 -5.14
N THR C 40 38.00 -30.73 -4.76
CA THR C 40 37.29 -31.14 -3.52
C THR C 40 38.16 -31.00 -2.27
N ASN C 41 39.19 -30.15 -2.32
CA ASN C 41 40.14 -30.01 -1.20
C ASN C 41 40.77 -31.36 -0.84
N SER C 42 40.95 -32.22 -1.86
CA SER C 42 41.40 -33.58 -1.61
C SER C 42 42.84 -33.66 -1.10
N GLN C 43 43.66 -32.65 -1.37
CA GLN C 43 45.04 -32.54 -0.91
C GLN C 43 45.78 -33.89 -0.99
N PRO C 44 45.83 -34.52 -2.19
CA PRO C 44 46.31 -35.90 -2.30
C PRO C 44 47.83 -35.95 -2.44
N TRP C 45 48.54 -35.38 -1.46
CA TRP C 45 49.94 -35.08 -1.68
C TRP C 45 50.76 -35.22 -0.40
N HIS C 46 52.07 -35.34 -0.60
CA HIS C 46 53.06 -35.29 0.47
C HIS C 46 54.29 -34.60 -0.08
N PHE C 47 55.05 -33.96 0.80
CA PHE C 47 56.22 -33.18 0.39
C PHE C 47 57.41 -33.57 1.25
N ILE C 48 58.53 -33.86 0.59
CA ILE C 48 59.83 -34.02 1.25
C ILE C 48 60.57 -32.70 1.10
N VAL C 49 60.98 -32.11 2.21
CA VAL C 49 61.75 -30.86 2.19
C VAL C 49 63.13 -31.19 2.73
N ALA C 50 64.11 -31.27 1.84
CA ALA C 50 65.48 -31.62 2.21
C ALA C 50 66.30 -30.34 2.31
N SER C 51 66.82 -30.05 3.51
CA SER C 51 67.68 -28.90 3.73
C SER C 51 69.07 -29.27 4.24
N THR C 52 69.24 -30.46 4.81
CA THR C 52 70.58 -30.87 5.22
C THR C 52 71.36 -31.40 4.02
N GLU C 53 72.69 -31.40 4.16
CA GLU C 53 73.52 -31.93 3.09
C GLU C 53 73.24 -33.41 2.88
N GLU C 54 73.04 -34.16 3.97
CA GLU C 54 72.73 -35.58 3.85
C GLU C 54 71.38 -35.79 3.17
N GLY C 55 70.38 -34.99 3.54
CA GLY C 55 69.06 -35.13 2.92
C GLY C 55 69.07 -34.78 1.45
N LYS C 56 69.72 -33.68 1.08
CA LYS C 56 69.78 -33.29 -0.32
C LYS C 56 70.55 -34.32 -1.14
N ALA C 57 71.59 -34.92 -0.55
CA ALA C 57 72.33 -35.97 -1.25
C ALA C 57 71.43 -37.17 -1.53
N ARG C 58 70.53 -37.49 -0.59
CA ARG C 58 69.60 -38.59 -0.79
C ARG C 58 68.68 -38.33 -1.98
N VAL C 59 68.15 -37.10 -2.08
CA VAL C 59 67.30 -36.75 -3.21
C VAL C 59 68.10 -36.78 -4.50
N ALA C 60 69.33 -36.26 -4.47
CA ALA C 60 70.15 -36.13 -5.68
C ALA C 60 70.59 -37.47 -6.25
N LYS C 61 70.46 -38.56 -5.49
CA LYS C 61 70.72 -39.88 -6.07
C LYS C 61 69.80 -40.19 -7.24
N SER C 62 68.63 -39.55 -7.29
CA SER C 62 67.69 -39.77 -8.40
C SER C 62 68.15 -39.11 -9.69
N ALA C 63 69.08 -38.16 -9.62
CA ALA C 63 69.61 -37.51 -10.81
C ALA C 63 70.97 -38.05 -11.22
N ALA C 64 71.55 -38.96 -10.45
CA ALA C 64 72.81 -39.58 -10.84
C ALA C 64 72.56 -40.56 -11.98
N GLY C 65 73.22 -40.33 -13.11
CA GLY C 65 73.06 -41.20 -14.26
C GLY C 65 72.63 -40.48 -15.52
N THR C 66 71.43 -40.81 -16.02
CA THR C 66 70.95 -40.17 -17.25
C THR C 66 70.60 -38.71 -17.03
N TYR C 67 70.21 -38.35 -15.81
CA TYR C 67 69.79 -36.99 -15.49
C TYR C 67 70.88 -36.21 -14.76
N VAL C 68 72.15 -36.52 -15.05
CA VAL C 68 73.27 -35.89 -14.32
C VAL C 68 73.24 -34.37 -14.48
N PHE C 69 72.65 -33.87 -15.56
CA PHE C 69 72.62 -32.43 -15.78
C PHE C 69 71.74 -31.70 -14.76
N ASN C 70 70.95 -32.43 -13.97
CA ASN C 70 70.15 -31.85 -12.89
C ASN C 70 70.73 -32.10 -11.50
N GLU C 71 71.79 -32.90 -11.38
CA GLU C 71 72.25 -33.33 -10.07
C GLU C 71 72.81 -32.18 -9.26
N ARG C 72 73.63 -31.33 -9.89
CA ARG C 72 74.23 -30.22 -9.15
C ARG C 72 73.18 -29.26 -8.62
N LYS C 73 72.10 -29.05 -9.37
CA LYS C 73 71.01 -28.19 -8.91
C LYS C 73 70.45 -28.68 -7.57
N MET C 74 70.28 -30.00 -7.43
CA MET C 74 69.76 -30.53 -6.17
C MET C 74 70.79 -30.42 -5.05
N LEU C 75 72.07 -30.58 -5.38
CA LEU C 75 73.10 -30.52 -4.35
C LEU C 75 73.38 -29.08 -3.90
N ASP C 76 73.23 -28.12 -4.80
CA ASP C 76 73.65 -26.74 -4.53
C ASP C 76 72.56 -25.87 -3.92
N ALA C 77 71.29 -26.21 -4.12
CA ALA C 77 70.22 -25.36 -3.62
C ALA C 77 70.16 -25.41 -2.10
N SER C 78 69.50 -24.41 -1.52
CA SER C 78 69.34 -24.36 -0.07
C SER C 78 68.32 -25.40 0.40
N HIS C 79 67.14 -25.42 -0.21
CA HIS C 79 66.09 -26.37 0.11
C HIS C 79 65.60 -27.04 -1.17
N VAL C 80 65.35 -28.35 -1.07
CA VAL C 80 64.91 -29.15 -2.22
C VAL C 80 63.59 -29.81 -1.85
N VAL C 81 62.53 -29.46 -2.58
CA VAL C 81 61.18 -29.96 -2.30
C VAL C 81 60.86 -31.08 -3.29
N VAL C 82 60.45 -32.24 -2.78
CA VAL C 82 59.94 -33.33 -3.60
C VAL C 82 58.42 -33.32 -3.51
N PHE C 83 57.74 -33.08 -4.64
CA PHE C 83 56.28 -33.10 -4.71
C PHE C 83 55.83 -34.54 -4.99
N CYS C 84 55.02 -35.10 -4.09
CA CYS C 84 54.55 -36.47 -4.20
C CYS C 84 53.03 -36.51 -4.25
N ALA C 85 52.50 -37.42 -5.07
CA ALA C 85 51.07 -37.68 -5.16
C ALA C 85 50.73 -39.02 -4.53
N LYS C 86 49.54 -39.12 -3.96
CA LYS C 86 49.03 -40.41 -3.54
C LYS C 86 48.89 -41.34 -4.74
N THR C 87 49.09 -42.64 -4.50
CA THR C 87 48.95 -43.62 -5.57
C THR C 87 47.53 -44.12 -5.72
N ALA C 88 46.71 -44.01 -4.68
CA ALA C 88 45.31 -44.42 -4.74
C ALA C 88 44.53 -43.59 -3.73
N MET C 89 43.31 -43.19 -4.10
CA MET C 89 42.46 -42.42 -3.21
C MET C 89 41.63 -43.40 -2.37
N ASP C 90 42.00 -43.55 -1.11
CA ASP C 90 41.34 -44.45 -0.19
C ASP C 90 40.35 -43.69 0.68
N ASP C 91 39.40 -44.44 1.26
CA ASP C 91 38.37 -43.83 2.09
C ASP C 91 38.96 -43.19 3.34
N ALA C 92 40.08 -43.71 3.83
CA ALA C 92 40.68 -43.13 5.03
C ALA C 92 41.16 -41.70 4.77
N TRP C 93 41.74 -41.45 3.59
CA TRP C 93 42.18 -40.10 3.26
C TRP C 93 40.99 -39.16 3.11
N LEU C 94 39.89 -39.63 2.51
CA LEU C 94 38.71 -38.80 2.40
C LEU C 94 38.16 -38.44 3.77
N GLU C 95 38.10 -39.42 4.67
CA GLU C 95 37.64 -39.14 6.03
C GLU C 95 38.59 -38.16 6.72
N ARG C 96 39.89 -38.30 6.49
CA ARG C 96 40.86 -37.38 7.09
C ARG C 96 40.62 -35.94 6.66
N VAL C 97 40.33 -35.74 5.38
CA VAL C 97 40.12 -34.38 4.87
C VAL C 97 38.87 -33.75 5.47
N VAL C 98 37.76 -34.50 5.48
CA VAL C 98 36.52 -33.91 5.99
C VAL C 98 36.60 -33.72 7.50
N ASP C 99 37.30 -34.59 8.22
CA ASP C 99 37.47 -34.39 9.66
C ASP C 99 38.28 -33.13 9.94
N GLN C 100 39.27 -32.83 9.10
CA GLN C 100 40.03 -31.60 9.26
C GLN C 100 39.18 -30.37 8.94
N GLU C 101 38.32 -30.48 7.92
CA GLU C 101 37.43 -29.36 7.62
C GLU C 101 36.47 -29.10 8.77
N GLU C 102 35.99 -30.17 9.43
CA GLU C 102 35.16 -29.98 10.61
C GLU C 102 35.95 -29.34 11.75
N ALA C 103 37.19 -29.80 11.96
CA ALA C 103 38.02 -29.23 13.01
C ALA C 103 38.31 -27.75 12.76
N ASP C 104 38.36 -27.33 11.50
CA ASP C 104 38.62 -25.95 11.13
C ASP C 104 37.36 -25.10 11.09
N GLY C 105 36.20 -25.66 11.43
CA GLY C 105 34.99 -24.88 11.56
C GLY C 105 34.24 -24.62 10.27
N ARG C 106 34.39 -25.46 9.25
CA ARG C 106 33.71 -25.20 7.99
C ARG C 106 32.27 -25.70 7.95
N PHE C 107 31.81 -26.39 8.98
CA PHE C 107 30.45 -26.94 9.02
C PHE C 107 29.72 -26.46 10.26
N ASN C 108 28.49 -26.00 10.09
CA ASN C 108 27.69 -25.53 11.21
C ASN C 108 26.74 -26.58 11.76
N THR C 109 26.52 -27.69 11.03
CA THR C 109 25.62 -28.74 11.46
C THR C 109 26.23 -30.09 11.10
N PRO C 110 25.78 -31.17 11.72
CA PRO C 110 26.24 -32.51 11.30
C PRO C 110 25.80 -32.86 9.89
N GLU C 111 24.61 -32.43 9.47
CA GLU C 111 24.16 -32.70 8.12
C GLU C 111 25.08 -32.06 7.08
N ALA C 112 25.65 -30.90 7.40
CA ALA C 112 26.54 -30.23 6.47
C ALA C 112 27.85 -31.02 6.31
N LYS C 113 28.34 -31.61 7.39
CA LYS C 113 29.54 -32.43 7.28
C LYS C 113 29.26 -33.71 6.49
N ALA C 114 28.13 -34.35 6.73
CA ALA C 114 27.78 -35.55 5.99
C ALA C 114 27.60 -35.25 4.51
N ALA C 115 26.99 -34.10 4.18
CA ALA C 115 26.78 -33.74 2.79
C ALA C 115 28.12 -33.47 2.09
N ASN C 116 29.05 -32.81 2.78
CA ASN C 116 30.37 -32.60 2.20
C ASN C 116 31.07 -33.93 1.96
N HIS C 117 31.02 -34.83 2.94
CA HIS C 117 31.66 -36.14 2.80
C HIS C 117 31.04 -36.94 1.67
N LYS C 118 29.70 -36.89 1.55
CA LYS C 118 29.02 -37.62 0.48
C LYS C 118 29.37 -37.04 -0.89
N GLY C 119 29.41 -35.72 -1.01
CA GLY C 119 29.74 -35.11 -2.28
C GLY C 119 31.15 -35.45 -2.72
N ARG C 120 32.12 -35.34 -1.81
CA ARG C 120 33.50 -35.63 -2.15
C ARG C 120 33.67 -37.10 -2.53
N THR C 121 32.97 -38.00 -1.83
CA THR C 121 33.03 -39.41 -2.18
C THR C 121 32.47 -39.66 -3.58
N TYR C 122 31.35 -39.02 -3.91
CA TYR C 122 30.74 -39.18 -5.22
C TYR C 122 31.70 -38.77 -6.33
N PHE C 123 32.37 -37.64 -6.17
CA PHE C 123 33.28 -37.17 -7.21
C PHE C 123 34.56 -38.00 -7.24
N ALA C 124 35.05 -38.42 -6.07
CA ALA C 124 36.18 -39.35 -6.03
C ALA C 124 35.82 -40.67 -6.71
N ASP C 125 34.59 -41.15 -6.50
CA ASP C 125 34.17 -42.40 -7.12
C ASP C 125 34.10 -42.29 -8.64
N MET C 126 33.82 -41.09 -9.16
CA MET C 126 33.85 -40.89 -10.60
C MET C 126 35.21 -41.25 -11.18
N HIS C 127 36.28 -40.92 -10.45
CA HIS C 127 37.62 -41.25 -10.91
C HIS C 127 38.04 -42.66 -10.52
N ARG C 128 37.69 -43.08 -9.29
CA ARG C 128 38.07 -44.42 -8.84
C ARG C 128 37.29 -45.51 -9.59
N VAL C 129 35.98 -45.35 -9.69
CA VAL C 129 35.12 -46.42 -10.18
C VAL C 129 34.93 -46.32 -11.68
N ASP C 130 34.39 -45.19 -12.15
CA ASP C 130 33.97 -45.08 -13.54
C ASP C 130 35.16 -44.89 -14.48
N LEU C 131 35.95 -43.85 -14.26
CA LEU C 131 37.05 -43.54 -15.16
C LEU C 131 38.31 -44.35 -14.88
N LYS C 132 38.46 -44.87 -13.66
CA LYS C 132 39.64 -45.64 -13.27
C LYS C 132 40.93 -44.86 -13.51
N ASP C 133 40.92 -43.59 -13.09
CA ASP C 133 42.05 -42.71 -13.34
C ASP C 133 42.38 -41.83 -12.13
N ASP C 134 42.04 -42.28 -10.92
CA ASP C 134 42.26 -41.43 -9.75
C ASP C 134 43.75 -41.14 -9.56
N ASP C 135 44.62 -42.06 -9.98
CA ASP C 135 46.06 -41.79 -9.88
C ASP C 135 46.45 -40.59 -10.72
N GLN C 136 45.92 -40.49 -11.95
CA GLN C 136 46.24 -39.33 -12.79
C GLN C 136 45.52 -38.08 -12.30
N TRP C 137 44.28 -38.24 -11.83
CA TRP C 137 43.54 -37.11 -11.25
C TRP C 137 44.32 -36.48 -10.10
N MET C 138 44.89 -37.31 -9.23
CA MET C 138 45.61 -36.78 -8.07
C MET C 138 46.94 -36.18 -8.48
N ALA C 139 47.64 -36.80 -9.44
CA ALA C 139 48.89 -36.23 -9.93
C ALA C 139 48.66 -34.84 -10.51
N LYS C 140 47.51 -34.63 -11.15
CA LYS C 140 47.19 -33.32 -11.70
C LYS C 140 47.06 -32.26 -10.59
N GLN C 141 46.46 -32.64 -9.45
CA GLN C 141 46.38 -31.70 -8.33
C GLN C 141 47.77 -31.32 -7.83
N VAL C 142 48.71 -32.25 -7.87
CA VAL C 142 50.07 -31.98 -7.41
C VAL C 142 50.77 -31.01 -8.37
N TYR C 143 50.54 -31.16 -9.67
CA TYR C 143 51.11 -30.21 -10.63
C TYR C 143 50.53 -28.82 -10.44
N LEU C 144 49.23 -28.74 -10.11
CA LEU C 144 48.64 -27.46 -9.76
C LEU C 144 49.36 -26.85 -8.56
N ASN C 145 49.69 -27.67 -7.57
CA ASN C 145 50.48 -27.19 -6.43
C ASN C 145 51.84 -26.67 -6.88
N VAL C 146 52.50 -27.38 -7.80
CA VAL C 146 53.79 -26.93 -8.31
C VAL C 146 53.64 -25.53 -8.93
N GLY C 147 52.61 -25.34 -9.74
CA GLY C 147 52.42 -24.05 -10.39
C GLY C 147 52.21 -22.93 -9.39
N ASN C 148 51.41 -23.18 -8.36
CA ASN C 148 51.24 -22.24 -7.27
C ASN C 148 52.59 -21.95 -6.60
N PHE C 149 53.37 -22.99 -6.37
CA PHE C 149 54.62 -22.87 -5.64
C PHE C 149 55.63 -22.01 -6.39
N LEU C 150 55.79 -22.26 -7.69
CA LEU C 150 56.80 -21.55 -8.46
C LEU C 150 56.54 -20.06 -8.51
N LEU C 151 55.27 -19.66 -8.68
CA LEU C 151 54.96 -18.24 -8.66
C LEU C 151 55.16 -17.65 -7.27
N GLY C 152 54.82 -18.42 -6.24
CA GLY C 152 54.95 -17.93 -4.87
C GLY C 152 56.39 -17.68 -4.48
N VAL C 153 57.27 -18.64 -4.77
CA VAL C 153 58.66 -18.46 -4.37
C VAL C 153 59.32 -17.35 -5.19
N GLY C 154 58.90 -17.18 -6.45
CA GLY C 154 59.36 -16.03 -7.21
C GLY C 154 58.94 -14.72 -6.58
N ALA C 155 57.71 -14.67 -6.04
CA ALA C 155 57.23 -13.46 -5.37
C ALA C 155 57.97 -13.21 -4.06
N MET C 156 58.52 -14.25 -3.44
CA MET C 156 59.38 -14.09 -2.27
C MET C 156 60.80 -13.67 -2.64
N GLY C 157 61.10 -13.51 -3.93
CA GLY C 157 62.45 -13.18 -4.34
C GLY C 157 63.43 -14.33 -4.28
N LEU C 158 62.93 -15.56 -4.31
CA LEU C 158 63.77 -16.76 -4.27
C LEU C 158 63.89 -17.34 -5.68
N ASP C 159 65.03 -17.97 -5.93
CA ASP C 159 65.23 -18.68 -7.19
C ASP C 159 64.81 -20.14 -7.04
N ALA C 160 64.36 -20.72 -8.14
CA ALA C 160 63.92 -22.11 -8.12
C ALA C 160 63.96 -22.65 -9.53
N VAL C 161 63.82 -23.97 -9.63
CA VAL C 161 63.65 -24.62 -10.94
C VAL C 161 62.82 -25.88 -10.74
N PRO C 162 61.78 -26.08 -11.54
CA PRO C 162 61.05 -27.36 -11.49
C PRO C 162 61.78 -28.41 -12.31
N ILE C 163 61.78 -29.64 -11.80
CA ILE C 163 62.58 -30.71 -12.40
C ILE C 163 61.70 -31.94 -12.59
N GLU C 164 61.56 -32.37 -13.85
CA GLU C 164 61.03 -33.70 -14.18
C GLU C 164 62.13 -34.68 -14.54
N GLY C 165 63.33 -34.19 -14.83
CA GLY C 165 64.45 -35.04 -15.18
C GLY C 165 65.11 -35.68 -13.98
N PHE C 166 64.44 -36.68 -13.40
CA PHE C 166 64.99 -37.47 -12.33
C PHE C 166 64.34 -38.85 -12.40
N ASP C 167 64.99 -39.82 -11.76
CA ASP C 167 64.48 -41.19 -11.73
C ASP C 167 63.58 -41.33 -10.52
N ALA C 168 62.26 -41.31 -10.76
CA ALA C 168 61.29 -41.38 -9.68
C ALA C 168 61.32 -42.76 -8.99
N ALA C 169 61.68 -43.81 -9.72
CA ALA C 169 61.82 -45.12 -9.09
C ALA C 169 62.93 -45.11 -8.05
N ILE C 170 64.06 -44.46 -8.37
CA ILE C 170 65.14 -44.35 -7.40
C ILE C 170 64.72 -43.48 -6.23
N LEU C 171 64.05 -42.36 -6.50
CA LEU C 171 63.63 -41.46 -5.42
C LEU C 171 62.58 -42.11 -4.54
N ASP C 172 61.61 -42.80 -5.14
CA ASP C 172 60.60 -43.51 -4.35
C ASP C 172 61.25 -44.52 -3.41
N GLU C 173 62.23 -45.27 -3.89
CA GLU C 173 62.86 -46.28 -3.04
C GLU C 173 63.72 -45.66 -1.96
N GLU C 174 64.38 -44.53 -2.26
CA GLU C 174 65.23 -43.90 -1.26
C GLU C 174 64.43 -43.44 -0.04
N PHE C 175 63.16 -43.08 -0.24
CA PHE C 175 62.32 -42.59 0.85
C PHE C 175 61.17 -43.52 1.17
N GLY C 176 61.17 -44.74 0.63
CA GLY C 176 60.12 -45.71 0.93
C GLY C 176 58.73 -45.24 0.59
N LEU C 177 58.58 -44.52 -0.52
CA LEU C 177 57.33 -43.83 -0.79
C LEU C 177 56.22 -44.80 -1.20
N LYS C 178 56.56 -45.81 -2.00
CA LYS C 178 55.51 -46.69 -2.55
C LYS C 178 54.76 -47.39 -1.43
N GLU C 179 55.48 -47.95 -0.46
CA GLU C 179 54.82 -48.63 0.65
C GLU C 179 53.99 -47.66 1.49
N LYS C 180 54.41 -46.40 1.58
CA LYS C 180 53.64 -45.37 2.25
C LYS C 180 52.44 -44.88 1.44
N GLY C 181 52.37 -45.25 0.15
CA GLY C 181 51.25 -44.85 -0.67
C GLY C 181 51.46 -43.60 -1.51
N PHE C 182 52.70 -43.27 -1.84
CA PHE C 182 53.01 -42.05 -2.58
C PHE C 182 54.02 -42.33 -3.68
N THR C 183 54.09 -41.42 -4.64
CA THR C 183 55.10 -41.46 -5.69
C THR C 183 55.55 -40.04 -6.01
N SER C 184 56.84 -39.88 -6.28
CA SER C 184 57.42 -38.56 -6.54
C SER C 184 57.19 -38.17 -7.99
N LEU C 185 56.86 -36.89 -8.20
CA LEU C 185 56.49 -36.37 -9.51
C LEU C 185 57.39 -35.24 -10.00
N VAL C 186 57.68 -34.27 -9.13
CA VAL C 186 58.48 -33.10 -9.50
C VAL C 186 59.41 -32.78 -8.34
N VAL C 187 60.65 -32.41 -8.64
CA VAL C 187 61.62 -31.97 -7.66
C VAL C 187 61.88 -30.49 -7.89
N VAL C 188 61.81 -29.68 -6.83
CA VAL C 188 62.02 -28.24 -6.98
C VAL C 188 63.10 -27.75 -6.02
N PRO C 189 64.33 -27.60 -6.48
CA PRO C 189 65.34 -26.89 -5.68
C PRO C 189 65.00 -25.41 -5.55
N VAL C 190 65.19 -24.87 -4.35
CA VAL C 190 64.89 -23.47 -4.06
C VAL C 190 66.11 -22.86 -3.38
N GLY C 191 66.47 -21.64 -3.78
CA GLY C 191 67.59 -20.94 -3.19
C GLY C 191 67.93 -19.63 -3.89
N HIS C 192 69.21 -19.41 -4.17
CA HIS C 192 69.68 -18.24 -4.90
C HIS C 192 70.66 -18.67 -5.98
N HIS C 193 70.52 -18.11 -7.17
CA HIS C 193 71.30 -18.57 -8.30
C HIS C 193 72.77 -18.15 -8.16
N SER C 194 73.63 -18.85 -8.89
CA SER C 194 75.06 -18.60 -8.91
C SER C 194 75.46 -17.97 -10.24
N VAL C 195 76.76 -17.70 -10.38
CA VAL C 195 77.28 -17.12 -11.61
C VAL C 195 77.13 -18.07 -12.79
N GLU C 196 76.95 -19.37 -12.53
CA GLU C 196 76.81 -20.35 -13.59
C GLU C 196 75.38 -20.50 -14.09
N ASP C 197 74.44 -19.71 -13.58
CA ASP C 197 73.06 -19.75 -14.06
C ASP C 197 72.96 -18.88 -15.30
N PHE C 198 73.27 -19.49 -16.45
CA PHE C 198 73.22 -18.76 -17.71
C PHE C 198 71.80 -18.32 -18.05
N ASN C 199 70.78 -18.98 -17.51
CA ASN C 199 69.41 -18.63 -17.84
C ASN C 199 68.95 -17.34 -17.17
N ALA C 200 69.72 -16.81 -16.21
CA ALA C 200 69.32 -15.60 -15.52
C ALA C 200 69.35 -14.38 -16.43
N THR C 201 70.20 -14.39 -17.45
CA THR C 201 70.34 -13.24 -18.33
C THR C 201 69.82 -13.50 -19.74
N LEU C 202 69.13 -14.63 -19.95
CA LEU C 202 68.49 -14.85 -21.24
C LEU C 202 67.07 -14.29 -21.23
N PRO C 203 66.59 -13.76 -22.36
CA PRO C 203 65.19 -13.31 -22.41
C PRO C 203 64.24 -14.49 -22.30
N LYS C 204 63.09 -14.25 -21.70
CA LYS C 204 62.05 -15.27 -21.66
C LYS C 204 61.40 -15.39 -23.04
N SER C 205 60.88 -16.57 -23.33
CA SER C 205 60.27 -16.83 -24.63
C SER C 205 58.95 -17.58 -24.46
N ARG C 206 57.88 -17.03 -25.03
CA ARG C 206 56.60 -17.71 -25.07
C ARG C 206 55.96 -17.48 -26.43
N LEU C 207 55.06 -18.41 -26.79
CA LEU C 207 54.26 -18.23 -27.99
C LEU C 207 53.37 -16.99 -27.84
N PRO C 208 53.03 -16.32 -28.95
CA PRO C 208 52.24 -15.09 -28.86
C PRO C 208 50.78 -15.37 -28.52
N LEU C 209 50.14 -14.34 -27.96
CA LEU C 209 48.73 -14.46 -27.58
C LEU C 209 47.85 -14.79 -28.78
N SER C 210 48.20 -14.29 -29.96
CA SER C 210 47.44 -14.61 -31.16
C SER C 210 47.41 -16.11 -31.44
N THR C 211 48.38 -16.85 -30.94
CA THR C 211 48.40 -18.30 -31.06
C THR C 211 47.64 -18.99 -29.92
N ILE C 212 47.91 -18.60 -28.66
CA ILE C 212 47.44 -19.41 -27.54
C ILE C 212 46.11 -18.99 -26.95
N VAL C 213 45.55 -17.85 -27.35
CA VAL C 213 44.31 -17.34 -26.76
C VAL C 213 43.27 -17.14 -27.85
N THR C 214 42.06 -17.64 -27.61
CA THR C 214 40.90 -17.33 -28.43
C THR C 214 39.91 -16.55 -27.57
N GLU C 215 39.60 -15.33 -27.98
CA GLU C 215 38.67 -14.48 -27.26
C GLU C 215 37.28 -14.60 -27.86
N CYS C 216 36.27 -14.63 -26.99
CA CYS C 216 34.88 -14.72 -27.45
C CYS C 216 33.92 -14.11 -26.43
N ASP D 1 53.13 -9.26 0.30
CA ASP D 1 53.29 -10.55 0.95
C ASP D 1 52.46 -11.62 0.25
N ILE D 2 53.14 -12.49 -0.50
CA ILE D 2 52.43 -13.52 -1.25
C ILE D 2 51.80 -14.56 -0.32
N ILE D 3 52.34 -14.72 0.89
CA ILE D 3 51.74 -15.66 1.83
C ILE D 3 50.37 -15.15 2.28
N SER D 4 50.24 -13.84 2.48
CA SER D 4 48.93 -13.27 2.78
C SER D 4 47.96 -13.53 1.64
N VAL D 5 48.45 -13.47 0.40
CA VAL D 5 47.59 -13.80 -0.75
C VAL D 5 47.13 -15.24 -0.68
N ALA D 6 48.07 -16.16 -0.40
CA ALA D 6 47.72 -17.58 -0.35
C ALA D 6 46.76 -17.88 0.78
N LEU D 7 46.88 -17.19 1.90
CA LEU D 7 46.00 -17.42 3.03
C LEU D 7 44.64 -16.75 2.88
N LYS D 8 44.49 -15.81 1.95
CA LYS D 8 43.25 -15.06 1.81
C LYS D 8 42.45 -15.40 0.57
N ARG D 9 43.10 -15.84 -0.51
CA ARG D 9 42.35 -16.26 -1.68
C ARG D 9 41.48 -17.47 -1.35
N HIS D 10 40.38 -17.62 -2.08
CA HIS D 10 39.44 -18.70 -1.84
C HIS D 10 38.67 -18.97 -3.12
N SER D 11 38.01 -20.13 -3.16
CA SER D 11 37.17 -20.47 -4.30
C SER D 11 35.82 -19.76 -4.17
N THR D 12 35.56 -18.84 -5.09
CA THR D 12 34.34 -18.06 -5.06
C THR D 12 33.16 -18.89 -5.54
N LYS D 13 32.09 -18.92 -4.74
CA LYS D 13 30.92 -19.73 -5.06
C LYS D 13 29.81 -18.96 -5.74
N ALA D 14 29.88 -17.64 -5.78
CA ALA D 14 28.89 -16.82 -6.46
C ALA D 14 29.52 -15.48 -6.84
N PHE D 15 29.22 -15.01 -8.05
CA PHE D 15 29.84 -13.82 -8.61
C PHE D 15 28.83 -12.70 -8.78
N ASP D 16 29.31 -11.47 -8.69
CA ASP D 16 28.53 -10.26 -8.95
C ASP D 16 28.66 -9.92 -10.43
N ALA D 17 27.58 -10.13 -11.18
CA ALA D 17 27.65 -9.97 -12.63
C ALA D 17 27.92 -8.52 -13.04
N SER D 18 27.58 -7.56 -12.18
CA SER D 18 27.75 -6.16 -12.55
C SER D 18 29.20 -5.69 -12.49
N LYS D 19 30.09 -6.44 -11.82
CA LYS D 19 31.46 -6.01 -11.59
C LYS D 19 32.38 -6.68 -12.61
N LYS D 20 32.76 -5.93 -13.64
CA LYS D 20 33.60 -6.45 -14.71
C LYS D 20 35.06 -6.16 -14.43
N LEU D 21 35.93 -6.99 -15.02
CA LEU D 21 37.35 -6.66 -15.03
C LEU D 21 37.56 -5.36 -15.80
N THR D 22 38.57 -4.60 -15.40
CA THR D 22 38.98 -3.47 -16.21
C THR D 22 39.73 -3.95 -17.45
N ALA D 23 39.90 -3.04 -18.40
CA ALA D 23 40.64 -3.39 -19.61
C ALA D 23 42.07 -3.84 -19.28
N GLU D 24 42.71 -3.15 -18.33
CA GLU D 24 44.07 -3.53 -17.95
C GLU D 24 44.10 -4.88 -17.23
N GLU D 25 43.09 -5.16 -16.41
CA GLU D 25 43.03 -6.46 -15.73
C GLU D 25 42.82 -7.59 -16.74
N ALA D 26 42.03 -7.34 -17.78
CA ALA D 26 41.83 -8.37 -18.81
C ALA D 26 43.13 -8.67 -19.54
N GLU D 27 43.94 -7.64 -19.81
CA GLU D 27 45.23 -7.88 -20.44
C GLU D 27 46.18 -8.63 -19.51
N LYS D 28 46.10 -8.33 -18.20
CA LYS D 28 47.02 -8.97 -17.25
C LYS D 28 46.74 -10.46 -17.11
N ILE D 29 45.47 -10.86 -17.08
CA ILE D 29 45.20 -12.29 -16.90
C ILE D 29 45.68 -13.08 -18.12
N LYS D 30 45.69 -12.46 -19.30
CA LYS D 30 46.22 -13.16 -20.46
C LYS D 30 47.75 -13.29 -20.37
N THR D 31 48.42 -12.28 -19.83
CA THR D 31 49.86 -12.39 -19.60
C THR D 31 50.17 -13.52 -18.63
N LEU D 32 49.33 -13.71 -17.62
CA LEU D 32 49.54 -14.80 -16.67
C LEU D 32 49.42 -16.17 -17.35
N LEU D 33 48.41 -16.34 -18.21
CA LEU D 33 48.27 -17.59 -18.94
C LEU D 33 49.48 -17.86 -19.81
N GLN D 34 49.99 -16.81 -20.45
CA GLN D 34 51.04 -16.94 -21.46
C GLN D 34 52.37 -17.31 -20.84
N TYR D 35 52.71 -16.71 -19.70
CA TYR D 35 54.06 -16.80 -19.17
C TYR D 35 54.24 -17.87 -18.09
N SER D 36 53.25 -18.71 -17.88
CA SER D 36 53.43 -19.88 -17.03
C SER D 36 54.58 -20.74 -17.56
N PRO D 37 55.37 -21.35 -16.67
CA PRO D 37 56.37 -22.33 -17.13
C PRO D 37 55.69 -23.62 -17.55
N SER D 38 56.49 -24.48 -18.19
CA SER D 38 56.06 -25.80 -18.61
C SER D 38 57.29 -26.62 -18.97
N SER D 39 57.15 -27.94 -18.88
CA SER D 39 58.28 -28.83 -19.17
C SER D 39 58.78 -28.62 -20.59
N THR D 40 60.10 -28.39 -20.71
CA THR D 40 60.79 -28.06 -21.96
C THR D 40 60.20 -26.83 -22.66
N ASN D 41 59.51 -25.96 -21.92
CA ASN D 41 58.81 -24.80 -22.52
C ASN D 41 57.85 -25.27 -23.61
N SER D 42 57.28 -26.47 -23.42
CA SER D 42 56.44 -27.08 -24.44
C SER D 42 55.15 -26.31 -24.66
N GLN D 43 54.67 -25.58 -23.66
CA GLN D 43 53.47 -24.75 -23.75
C GLN D 43 52.33 -25.48 -24.46
N PRO D 44 51.97 -26.71 -24.02
CA PRO D 44 51.07 -27.54 -24.83
C PRO D 44 49.60 -27.21 -24.58
N TRP D 45 49.24 -25.95 -24.81
CA TRP D 45 47.98 -25.49 -24.28
C TRP D 45 47.32 -24.46 -25.19
N HIS D 46 46.03 -24.25 -24.94
CA HIS D 46 45.26 -23.19 -25.58
C HIS D 46 44.22 -22.71 -24.58
N PHE D 47 43.86 -21.43 -24.68
CA PHE D 47 42.96 -20.82 -23.72
C PHE D 47 41.82 -20.12 -24.45
N ILE D 48 40.59 -20.46 -24.06
CA ILE D 48 39.41 -19.71 -24.45
C ILE D 48 39.12 -18.71 -23.35
N VAL D 49 39.06 -17.42 -23.69
CA VAL D 49 38.72 -16.38 -22.73
C VAL D 49 37.37 -15.81 -23.16
N ALA D 50 36.33 -16.19 -22.46
CA ALA D 50 34.97 -15.74 -22.77
C ALA D 50 34.67 -14.49 -21.93
N SER D 51 34.38 -13.39 -22.61
CA SER D 51 34.03 -12.13 -21.95
C SER D 51 32.72 -11.53 -22.43
N THR D 52 32.19 -11.95 -23.58
CA THR D 52 30.89 -11.51 -24.02
C THR D 52 29.82 -12.41 -23.40
N GLU D 53 28.58 -11.91 -23.39
CA GLU D 53 27.47 -12.69 -22.85
C GLU D 53 27.26 -13.97 -23.66
N GLU D 54 27.36 -13.88 -24.99
CA GLU D 54 27.23 -15.07 -25.81
C GLU D 54 28.34 -16.07 -25.53
N GLY D 55 29.58 -15.58 -25.41
CA GLY D 55 30.70 -16.48 -25.15
C GLY D 55 30.56 -17.23 -23.85
N LYS D 56 30.20 -16.53 -22.77
CA LYS D 56 30.03 -17.20 -21.49
C LYS D 56 28.86 -18.17 -21.51
N ALA D 57 27.77 -17.80 -22.21
CA ALA D 57 26.64 -18.71 -22.33
C ALA D 57 27.03 -19.99 -23.05
N ARG D 58 27.91 -19.89 -24.04
CA ARG D 58 28.37 -21.09 -24.74
C ARG D 58 29.20 -21.98 -23.82
N VAL D 59 30.09 -21.39 -23.03
CA VAL D 59 30.85 -22.17 -22.06
C VAL D 59 29.91 -22.79 -21.02
N ALA D 60 28.89 -22.03 -20.59
CA ALA D 60 28.00 -22.50 -19.53
C ALA D 60 27.17 -23.72 -19.95
N LYS D 61 27.05 -23.98 -21.26
CA LYS D 61 26.34 -25.17 -21.71
C LYS D 61 26.96 -26.44 -21.17
N SER D 62 28.28 -26.43 -20.92
CA SER D 62 28.95 -27.62 -20.41
C SER D 62 28.57 -27.95 -18.98
N ALA D 63 28.00 -26.98 -18.25
CA ALA D 63 27.57 -27.20 -16.88
C ALA D 63 26.07 -27.48 -16.76
N ALA D 64 25.39 -27.70 -17.88
CA ALA D 64 23.96 -28.01 -17.82
C ALA D 64 23.72 -29.37 -17.20
N GLY D 65 22.54 -29.53 -16.59
CA GLY D 65 22.15 -30.81 -16.04
C GLY D 65 22.84 -31.18 -14.73
N THR D 66 23.67 -32.21 -14.76
CA THR D 66 24.24 -32.75 -13.53
C THR D 66 25.21 -31.77 -12.87
N TYR D 67 25.88 -30.92 -13.65
CA TYR D 67 26.82 -29.95 -13.12
C TYR D 67 26.21 -28.56 -12.97
N VAL D 68 24.88 -28.49 -12.79
CA VAL D 68 24.20 -27.20 -12.79
C VAL D 68 24.67 -26.31 -11.64
N PHE D 69 25.22 -26.90 -10.57
CA PHE D 69 25.72 -26.09 -9.47
C PHE D 69 26.92 -25.23 -9.86
N ASN D 70 27.54 -25.50 -11.00
CA ASN D 70 28.63 -24.66 -11.51
C ASN D 70 28.18 -23.71 -12.63
N GLU D 71 26.94 -23.84 -13.11
CA GLU D 71 26.53 -23.05 -14.26
C GLU D 71 26.43 -21.56 -13.95
N ARG D 72 25.89 -21.22 -12.77
CA ARG D 72 25.75 -19.81 -12.41
C ARG D 72 27.10 -19.10 -12.36
N LYS D 73 28.13 -19.80 -11.86
CA LYS D 73 29.46 -19.19 -11.78
C LYS D 73 29.96 -18.78 -13.16
N MET D 74 29.72 -19.62 -14.18
CA MET D 74 30.18 -19.31 -15.52
C MET D 74 29.39 -18.18 -16.15
N LEU D 75 28.10 -18.05 -15.80
CA LEU D 75 27.29 -16.96 -16.37
C LEU D 75 27.58 -15.64 -15.70
N ASP D 76 27.86 -15.65 -14.40
CA ASP D 76 27.92 -14.42 -13.61
C ASP D 76 29.31 -13.78 -13.58
N ALA D 77 30.38 -14.54 -13.78
CA ALA D 77 31.71 -13.95 -13.70
C ALA D 77 31.96 -13.01 -14.88
N SER D 78 32.91 -12.11 -14.68
CA SER D 78 33.27 -11.16 -15.73
C SER D 78 33.93 -11.87 -16.91
N HIS D 79 34.94 -12.68 -16.64
CA HIS D 79 35.68 -13.40 -17.66
C HIS D 79 35.76 -14.86 -17.25
N VAL D 80 35.59 -15.76 -18.22
CA VAL D 80 35.65 -17.20 -17.99
C VAL D 80 36.75 -17.76 -18.86
N VAL D 81 37.75 -18.38 -18.23
CA VAL D 81 38.89 -18.95 -18.93
C VAL D 81 38.75 -20.47 -18.99
N VAL D 82 38.82 -21.02 -20.21
CA VAL D 82 38.82 -22.46 -20.41
C VAL D 82 40.25 -22.89 -20.68
N PHE D 83 40.80 -23.72 -19.78
CA PHE D 83 42.16 -24.25 -19.94
C PHE D 83 42.10 -25.53 -20.76
N CYS D 84 42.80 -25.56 -21.89
CA CYS D 84 42.81 -26.71 -22.79
C CYS D 84 44.24 -27.21 -22.98
N ALA D 85 44.37 -28.53 -23.12
CA ALA D 85 45.64 -29.17 -23.44
C ALA D 85 45.60 -29.74 -24.85
N LYS D 86 46.77 -29.80 -25.49
CA LYS D 86 46.89 -30.53 -26.74
C LYS D 86 46.56 -32.00 -26.52
N THR D 87 45.93 -32.63 -27.51
CA THR D 87 45.61 -34.04 -27.41
C THR D 87 46.76 -34.94 -27.84
N ALA D 88 47.75 -34.41 -28.56
CA ALA D 88 48.95 -35.14 -28.91
C ALA D 88 50.05 -34.13 -29.22
N MET D 89 51.28 -34.48 -28.87
CA MET D 89 52.44 -33.61 -29.11
C MET D 89 53.00 -33.95 -30.49
N ASP D 90 52.81 -33.04 -31.44
CA ASP D 90 53.29 -33.21 -32.80
C ASP D 90 54.60 -32.45 -33.01
N ASP D 91 55.37 -32.93 -33.99
CA ASP D 91 56.67 -32.32 -34.26
C ASP D 91 56.55 -30.86 -34.67
N ALA D 92 55.46 -30.50 -35.36
CA ALA D 92 55.29 -29.11 -35.78
C ALA D 92 55.18 -28.17 -34.60
N TRP D 93 54.57 -28.62 -33.50
CA TRP D 93 54.47 -27.78 -32.31
C TRP D 93 55.84 -27.59 -31.66
N LEU D 94 56.63 -28.66 -31.58
CA LEU D 94 57.96 -28.54 -30.98
C LEU D 94 58.86 -27.63 -31.81
N GLU D 95 58.71 -27.69 -33.14
CA GLU D 95 59.44 -26.79 -34.03
C GLU D 95 58.98 -25.35 -33.83
N ARG D 96 57.69 -25.13 -33.63
CA ARG D 96 57.16 -23.80 -33.40
C ARG D 96 57.74 -23.19 -32.12
N VAL D 97 57.88 -24.00 -31.08
CA VAL D 97 58.38 -23.50 -29.80
C VAL D 97 59.84 -23.07 -29.94
N VAL D 98 60.67 -23.92 -30.53
CA VAL D 98 62.09 -23.60 -30.61
C VAL D 98 62.34 -22.44 -31.57
N ASP D 99 61.55 -22.33 -32.64
CA ASP D 99 61.70 -21.18 -33.54
C ASP D 99 61.32 -19.88 -32.85
N GLN D 100 60.33 -19.92 -31.94
CA GLN D 100 60.00 -18.73 -31.16
C GLN D 100 61.12 -18.39 -30.18
N GLU D 101 61.73 -19.40 -29.57
CA GLU D 101 62.87 -19.14 -28.68
C GLU D 101 64.02 -18.48 -29.44
N GLU D 102 64.26 -18.91 -30.68
CA GLU D 102 65.29 -18.27 -31.50
C GLU D 102 64.90 -16.84 -31.84
N ALA D 103 63.63 -16.63 -32.21
CA ALA D 103 63.18 -15.28 -32.53
C ALA D 103 63.28 -14.35 -31.32
N ASP D 104 63.13 -14.90 -30.12
CA ASP D 104 63.25 -14.11 -28.90
C ASP D 104 64.69 -13.94 -28.45
N GLY D 105 65.65 -14.55 -29.15
CA GLY D 105 67.06 -14.33 -28.86
C GLY D 105 67.67 -15.23 -27.81
N ARG D 106 67.12 -16.43 -27.59
CA ARG D 106 67.66 -17.30 -26.55
C ARG D 106 68.87 -18.11 -27.01
N PHE D 107 69.22 -18.08 -28.29
CA PHE D 107 70.32 -18.88 -28.81
C PHE D 107 71.38 -17.98 -29.41
N ASN D 108 72.64 -18.22 -29.03
CA ASN D 108 73.76 -17.44 -29.52
C ASN D 108 74.31 -17.97 -30.84
N THR D 109 74.26 -19.28 -31.06
CA THR D 109 74.79 -19.94 -32.23
C THR D 109 73.75 -20.89 -32.80
N PRO D 110 73.90 -21.29 -34.07
CA PRO D 110 73.06 -22.38 -34.59
C PRO D 110 73.23 -23.68 -33.83
N GLU D 111 74.42 -23.93 -33.26
CA GLU D 111 74.62 -25.14 -32.47
C GLU D 111 73.71 -25.16 -31.24
N ALA D 112 73.56 -24.01 -30.58
CA ALA D 112 72.73 -23.95 -29.38
C ALA D 112 71.26 -24.24 -29.70
N LYS D 113 70.79 -23.82 -30.88
CA LYS D 113 69.40 -24.11 -31.24
C LYS D 113 69.21 -25.60 -31.49
N ALA D 114 70.13 -26.22 -32.23
CA ALA D 114 70.00 -27.65 -32.52
C ALA D 114 70.06 -28.48 -31.25
N ALA D 115 70.93 -28.10 -30.30
CA ALA D 115 71.04 -28.84 -29.05
C ALA D 115 69.76 -28.72 -28.23
N ASN D 116 69.17 -27.52 -28.16
CA ASN D 116 67.90 -27.36 -27.45
C ASN D 116 66.79 -28.14 -28.13
N HIS D 117 66.77 -28.15 -29.48
CA HIS D 117 65.75 -28.90 -30.20
C HIS D 117 65.93 -30.40 -30.01
N LYS D 118 67.17 -30.87 -30.00
CA LYS D 118 67.43 -32.29 -29.79
C LYS D 118 67.06 -32.71 -28.37
N GLY D 119 67.32 -31.84 -27.40
CA GLY D 119 66.96 -32.16 -26.02
C GLY D 119 65.46 -32.21 -25.81
N ARG D 120 64.73 -31.24 -26.37
CA ARG D 120 63.27 -31.24 -26.21
C ARG D 120 62.65 -32.43 -26.91
N THR D 121 63.15 -32.78 -28.09
CA THR D 121 62.62 -33.95 -28.80
C THR D 121 62.91 -35.23 -28.03
N TYR D 122 64.08 -35.33 -27.39
CA TYR D 122 64.43 -36.52 -26.62
C TYR D 122 63.43 -36.75 -25.49
N PHE D 123 63.13 -35.71 -24.72
CA PHE D 123 62.24 -35.87 -23.57
C PHE D 123 60.78 -35.95 -23.99
N ALA D 124 60.41 -35.34 -25.12
CA ALA D 124 59.06 -35.53 -25.63
C ALA D 124 58.85 -36.97 -26.09
N ASP D 125 59.87 -37.58 -26.68
CA ASP D 125 59.74 -38.97 -27.14
C ASP D 125 59.64 -39.93 -25.97
N MET D 126 60.23 -39.59 -24.81
CA MET D 126 60.09 -40.45 -23.64
C MET D 126 58.62 -40.63 -23.29
N HIS D 127 57.82 -39.59 -23.45
CA HIS D 127 56.41 -39.68 -23.12
C HIS D 127 55.59 -40.24 -24.27
N ARG D 128 55.83 -39.78 -25.50
CA ARG D 128 54.99 -40.24 -26.60
C ARG D 128 55.41 -41.60 -27.16
N VAL D 129 56.58 -42.11 -26.80
CA VAL D 129 57.01 -43.42 -27.28
C VAL D 129 57.09 -44.42 -26.14
N ASP D 130 58.00 -44.17 -25.19
CA ASP D 130 58.29 -45.17 -24.16
C ASP D 130 57.15 -45.30 -23.16
N LEU D 131 56.65 -44.18 -22.65
CA LEU D 131 55.61 -44.23 -21.64
C LEU D 131 54.20 -44.19 -22.21
N LYS D 132 54.04 -43.77 -23.47
CA LYS D 132 52.74 -43.61 -24.11
C LYS D 132 51.78 -42.82 -23.22
N ASP D 133 52.29 -41.70 -22.67
CA ASP D 133 51.50 -40.91 -21.75
C ASP D 133 51.63 -39.42 -22.03
N ASP D 134 51.94 -39.04 -23.27
CA ASP D 134 52.12 -37.63 -23.57
C ASP D 134 50.83 -36.84 -23.38
N ASP D 135 49.68 -37.51 -23.54
CA ASP D 135 48.41 -36.85 -23.25
C ASP D 135 48.33 -36.43 -21.79
N GLN D 136 48.69 -37.33 -20.88
CA GLN D 136 48.67 -36.99 -19.46
C GLN D 136 49.79 -36.01 -19.11
N TRP D 137 50.95 -36.17 -19.75
CA TRP D 137 52.06 -35.27 -19.52
C TRP D 137 51.68 -33.83 -19.85
N MET D 138 51.02 -33.62 -20.98
CA MET D 138 50.63 -32.27 -21.37
C MET D 138 49.52 -31.73 -20.47
N ALA D 139 48.56 -32.58 -20.10
CA ALA D 139 47.52 -32.15 -19.17
C ALA D 139 48.11 -31.69 -17.85
N LYS D 140 49.17 -32.36 -17.40
CA LYS D 140 49.85 -31.95 -16.17
C LYS D 140 50.43 -30.54 -16.29
N GLN D 141 50.98 -30.20 -17.45
CA GLN D 141 51.49 -28.84 -17.64
C GLN D 141 50.36 -27.82 -17.56
N VAL D 142 49.17 -28.18 -18.07
CA VAL D 142 48.04 -27.25 -18.02
C VAL D 142 47.58 -27.04 -16.58
N TYR D 143 47.53 -28.11 -15.78
CA TYR D 143 47.20 -27.94 -14.38
C TYR D 143 48.22 -27.09 -13.66
N LEU D 144 49.50 -27.20 -14.05
CA LEU D 144 50.51 -26.29 -13.49
C LEU D 144 50.17 -24.84 -13.83
N ASN D 145 49.78 -24.59 -15.08
CA ASN D 145 49.35 -23.25 -15.48
C ASN D 145 48.18 -22.77 -14.63
N VAL D 146 47.22 -23.65 -14.35
CA VAL D 146 46.06 -23.29 -13.52
C VAL D 146 46.53 -22.83 -12.14
N GLY D 147 47.45 -23.58 -11.53
CA GLY D 147 47.92 -23.20 -10.21
C GLY D 147 48.62 -21.86 -10.20
N ASN D 148 49.47 -21.62 -11.20
CA ASN D 148 50.05 -20.30 -11.39
C ASN D 148 48.96 -19.24 -11.49
N PHE D 149 47.95 -19.53 -12.29
CA PHE D 149 46.91 -18.55 -12.59
C PHE D 149 46.12 -18.17 -11.34
N LEU D 150 45.72 -19.16 -10.54
CA LEU D 150 44.88 -18.90 -9.37
C LEU D 150 45.60 -18.01 -8.35
N LEU D 151 46.88 -18.28 -8.10
CA LEU D 151 47.63 -17.41 -7.20
C LEU D 151 47.81 -16.03 -7.82
N GLY D 152 48.06 -15.98 -9.13
CA GLY D 152 48.26 -14.69 -9.78
C GLY D 152 47.04 -13.80 -9.72
N VAL D 153 45.86 -14.35 -10.04
CA VAL D 153 44.66 -13.52 -10.00
C VAL D 153 44.32 -13.14 -8.57
N GLY D 154 44.61 -14.01 -7.61
CA GLY D 154 44.43 -13.63 -6.22
C GLY D 154 45.32 -12.46 -5.83
N ALA D 155 46.56 -12.46 -6.31
CA ALA D 155 47.47 -11.35 -6.03
C ALA D 155 47.00 -10.07 -6.70
N MET D 156 46.28 -10.17 -7.81
CA MET D 156 45.70 -9.01 -8.47
C MET D 156 44.47 -8.48 -7.75
N GLY D 157 43.98 -9.17 -6.73
CA GLY D 157 42.77 -8.76 -6.07
C GLY D 157 41.50 -9.23 -6.74
N LEU D 158 41.59 -10.20 -7.63
CA LEU D 158 40.42 -10.73 -8.33
C LEU D 158 39.96 -12.02 -7.68
N ASP D 159 38.65 -12.27 -7.78
CA ASP D 159 38.08 -13.52 -7.31
C ASP D 159 38.01 -14.53 -8.45
N ALA D 160 38.09 -15.81 -8.09
CA ALA D 160 38.06 -16.87 -9.09
C ALA D 160 37.63 -18.16 -8.43
N VAL D 161 37.31 -19.14 -9.26
CA VAL D 161 37.10 -20.51 -8.79
C VAL D 161 37.51 -21.47 -9.90
N PRO D 162 38.36 -22.45 -9.60
CA PRO D 162 38.64 -23.51 -10.59
C PRO D 162 37.52 -24.54 -10.58
N ILE D 163 37.21 -25.05 -11.77
CA ILE D 163 36.03 -25.91 -11.96
C ILE D 163 36.44 -27.14 -12.77
N GLU D 164 36.32 -28.31 -12.16
CA GLU D 164 36.38 -29.58 -12.88
C GLU D 164 34.99 -30.13 -13.16
N GLY D 165 33.97 -29.64 -12.48
CA GLY D 165 32.61 -30.12 -12.63
C GLY D 165 31.91 -29.55 -13.84
N PHE D 166 32.30 -30.05 -15.01
CA PHE D 166 31.68 -29.66 -16.28
C PHE D 166 31.86 -30.80 -17.26
N ASP D 167 31.06 -30.79 -18.32
CA ASP D 167 31.08 -31.85 -19.32
C ASP D 167 32.06 -31.46 -20.42
N ALA D 168 33.26 -32.05 -20.39
CA ALA D 168 34.29 -31.68 -21.35
C ALA D 168 33.91 -32.08 -22.78
N ALA D 169 33.15 -33.16 -22.94
CA ALA D 169 32.70 -33.54 -24.28
C ALA D 169 31.81 -32.47 -24.87
N ILE D 170 30.91 -31.89 -24.07
CA ILE D 170 30.02 -30.84 -24.55
C ILE D 170 30.82 -29.58 -24.88
N LEU D 171 31.75 -29.20 -23.99
CA LEU D 171 32.51 -27.99 -24.22
C LEU D 171 33.43 -28.13 -25.42
N ASP D 172 34.05 -29.30 -25.59
CA ASP D 172 34.92 -29.54 -26.75
C ASP D 172 34.15 -29.40 -28.05
N GLU D 173 32.92 -29.94 -28.09
CA GLU D 173 32.13 -29.84 -29.31
C GLU D 173 31.70 -28.41 -29.57
N GLU D 174 31.35 -27.67 -28.51
CA GLU D 174 30.85 -26.32 -28.68
C GLU D 174 31.89 -25.39 -29.30
N PHE D 175 33.18 -25.64 -29.06
CA PHE D 175 34.25 -24.83 -29.60
C PHE D 175 35.12 -25.57 -30.60
N GLY D 176 34.68 -26.74 -31.06
CA GLY D 176 35.42 -27.49 -32.08
C GLY D 176 36.83 -27.83 -31.70
N LEU D 177 37.07 -28.17 -30.43
CA LEU D 177 38.43 -28.31 -29.94
C LEU D 177 39.09 -29.59 -30.45
N LYS D 178 38.34 -30.69 -30.49
CA LYS D 178 38.94 -31.97 -30.89
C LYS D 178 39.54 -31.89 -32.29
N GLU D 179 38.81 -31.29 -33.23
CA GLU D 179 39.33 -31.12 -34.58
C GLU D 179 40.61 -30.28 -34.58
N LYS D 180 40.69 -29.30 -33.69
CA LYS D 180 41.86 -28.45 -33.58
C LYS D 180 43.01 -29.10 -32.82
N GLY D 181 42.78 -30.25 -32.19
CA GLY D 181 43.82 -30.92 -31.44
C GLY D 181 43.91 -30.53 -29.98
N PHE D 182 42.79 -30.11 -29.37
CA PHE D 182 42.79 -29.70 -27.98
C PHE D 182 41.59 -30.29 -27.27
N THR D 183 41.67 -30.31 -25.94
CA THR D 183 40.58 -30.78 -25.10
C THR D 183 40.53 -29.94 -23.83
N SER D 184 39.33 -29.59 -23.39
CA SER D 184 39.15 -28.73 -22.23
C SER D 184 39.33 -29.53 -20.93
N LEU D 185 40.01 -28.91 -19.96
CA LEU D 185 40.35 -29.58 -18.71
C LEU D 185 39.79 -28.87 -17.49
N VAL D 186 39.96 -27.55 -17.40
CA VAL D 186 39.52 -26.77 -16.26
C VAL D 186 38.92 -25.46 -16.75
N VAL D 187 37.79 -25.08 -16.17
CA VAL D 187 37.14 -23.80 -16.43
C VAL D 187 37.37 -22.91 -15.21
N VAL D 188 37.81 -21.67 -15.45
CA VAL D 188 38.06 -20.76 -14.32
C VAL D 188 37.33 -19.44 -14.55
N PRO D 189 36.16 -19.26 -13.94
CA PRO D 189 35.53 -17.93 -13.93
C PRO D 189 36.35 -16.96 -13.08
N VAL D 190 36.47 -15.73 -13.56
CA VAL D 190 37.24 -14.68 -12.89
C VAL D 190 36.40 -13.42 -12.82
N GLY D 191 36.37 -12.78 -11.66
CA GLY D 191 35.61 -11.56 -11.46
C GLY D 191 35.64 -11.06 -10.04
N HIS D 192 34.47 -10.71 -9.49
CA HIS D 192 34.34 -10.28 -8.12
C HIS D 192 33.17 -11.03 -7.47
N HIS D 193 33.38 -11.49 -6.24
CA HIS D 193 32.35 -12.28 -5.58
C HIS D 193 31.19 -11.38 -5.15
N SER D 194 30.02 -12.01 -5.00
CA SER D 194 28.82 -11.32 -4.55
C SER D 194 28.58 -11.62 -3.07
N VAL D 195 27.53 -11.01 -2.53
CA VAL D 195 27.11 -11.33 -1.17
C VAL D 195 26.63 -12.77 -1.07
N GLU D 196 26.32 -13.39 -2.21
CA GLU D 196 25.85 -14.76 -2.30
C GLU D 196 26.94 -15.78 -2.02
N ASP D 197 28.21 -15.36 -2.00
CA ASP D 197 29.35 -16.25 -1.90
C ASP D 197 29.55 -16.66 -0.45
N PHE D 198 28.94 -17.79 -0.06
CA PHE D 198 29.05 -18.27 1.31
C PHE D 198 30.46 -18.69 1.68
N ASN D 199 31.33 -18.93 0.70
CA ASN D 199 32.68 -19.39 0.97
C ASN D 199 33.65 -18.25 1.29
N ALA D 200 33.26 -17.01 1.04
CA ALA D 200 34.15 -15.88 1.30
C ALA D 200 34.43 -15.69 2.79
N THR D 201 33.53 -16.15 3.66
CA THR D 201 33.66 -15.92 5.09
C THR D 201 33.99 -17.18 5.88
N LEU D 202 34.03 -18.34 5.23
CA LEU D 202 34.37 -19.56 5.96
C LEU D 202 35.89 -19.66 6.13
N PRO D 203 36.36 -20.19 7.27
CA PRO D 203 37.81 -20.39 7.44
C PRO D 203 38.35 -21.39 6.42
N LYS D 204 39.56 -21.14 5.96
CA LYS D 204 40.24 -22.10 5.11
C LYS D 204 40.60 -23.35 5.92
N SER D 205 40.73 -24.48 5.23
CA SER D 205 41.04 -25.74 5.90
C SER D 205 42.05 -26.51 5.09
N ARG D 206 43.17 -26.87 5.72
CA ARG D 206 44.19 -27.72 5.13
C ARG D 206 44.69 -28.71 6.18
N LEU D 207 45.17 -29.85 5.70
CA LEU D 207 45.82 -30.83 6.58
C LEU D 207 47.04 -30.20 7.25
N PRO D 208 47.39 -30.66 8.45
CA PRO D 208 48.51 -30.03 9.16
C PRO D 208 49.86 -30.40 8.54
N LEU D 209 50.84 -29.52 8.78
CA LEU D 209 52.18 -29.75 8.26
C LEU D 209 52.78 -31.05 8.77
N SER D 210 52.40 -31.45 9.99
CA SER D 210 52.91 -32.72 10.52
C SER D 210 52.46 -33.91 9.69
N THR D 211 51.37 -33.77 8.93
CA THR D 211 50.91 -34.83 8.06
C THR D 211 51.55 -34.77 6.67
N ILE D 212 51.64 -33.58 6.07
CA ILE D 212 51.94 -33.49 4.65
C ILE D 212 53.41 -33.19 4.34
N VAL D 213 54.22 -32.85 5.35
CA VAL D 213 55.62 -32.48 5.11
C VAL D 213 56.53 -33.40 5.91
N THR D 214 57.56 -33.93 5.26
CA THR D 214 58.67 -34.62 5.91
C THR D 214 59.95 -33.81 5.68
N GLU D 215 60.64 -33.46 6.76
CA GLU D 215 61.88 -32.71 6.67
C GLU D 215 63.08 -33.64 6.85
N CYS D 216 64.14 -33.38 6.08
CA CYS D 216 65.35 -34.19 6.18
C CYS D 216 66.59 -33.40 5.75
#